data_7VS9
#
_entry.id   7VS9
#
_cell.length_a   184.200
_cell.length_b   77.244
_cell.length_c   103.526
_cell.angle_alpha   90.00
_cell.angle_beta   124.20
_cell.angle_gamma   90.00
#
_symmetry.space_group_name_H-M   'C 1 2 1'
#
loop_
_entity.id
_entity.type
_entity.pdbx_description
1 polymer VP1
2 branched alpha-L-fucopyranose-(1-3)-[beta-D-galactopyranose-(1-4)]2-acetamido-2-deoxy-alpha-D-glucopyranose
3 non-polymer 'MAGNESIUM ION'
4 non-polymer 'CHLORIDE ION'
5 water water
#
_entity_poly.entity_id   1
_entity_poly.type   'polypeptide(L)'
_entity_poly.pdbx_seq_one_letter_code
;QKTKQFSVPNLPLNVMSNSRVPSLLNAMVVSPDQAQVVQFQNGRCTLDGQMLGTTTVSASCVARFRGKTFQAPDNRLGIN
LAEISGEPYHAFESPAPLGFPDFGDGDWHVTATKVTPSQLEANDPVVVGNVQPYNPQFAPHLGTLVVENPTPDQVATGTD
LLFNITWLSNRANNRFNPWVIPNYGSTLTEAAQLAPSIFPPGFGETIVYFNSTFPAVGATTHAAIPCLLPQEFVAHFVNE
QAPIRGEAALLHYIDPDTHRNLGEFKIYPEGFVTCVPNVGGTGPQSLPTNGVFVFVSWVSRYYQLKPVGTAG
;
_entity_poly.pdbx_strand_id   A,B
#
loop_
_chem_comp.id
_chem_comp.type
_chem_comp.name
_chem_comp.formula
CL non-polymer 'CHLORIDE ION' 'Cl -1'
FUC L-saccharide, alpha linking alpha-L-fucopyranose 'C6 H12 O5'
GAL D-saccharide, beta linking beta-D-galactopyranose 'C6 H12 O6'
MG non-polymer 'MAGNESIUM ION' 'Mg 2'
NDG D-saccharide, alpha linking 2-acetamido-2-deoxy-alpha-D-glucopyranose 'C8 H15 N O6'
#
# COMPACT_ATOMS: atom_id res chain seq x y z
N THR A 3 0.15 -28.91 10.61
CA THR A 3 -0.62 -28.47 11.76
C THR A 3 -1.17 -27.06 11.53
N LYS A 4 -0.40 -26.19 10.87
CA LYS A 4 -0.90 -24.86 10.53
C LYS A 4 -1.94 -24.98 9.42
N GLN A 5 -3.20 -24.74 9.76
CA GLN A 5 -4.29 -24.90 8.81
C GLN A 5 -4.40 -23.70 7.88
N PHE A 6 -4.86 -23.97 6.65
CA PHE A 6 -4.93 -22.94 5.62
C PHE A 6 -6.10 -22.00 5.89
N SER A 7 -5.95 -20.76 5.45
CA SER A 7 -7.01 -19.77 5.56
C SER A 7 -6.73 -18.64 4.58
N VAL A 8 -7.74 -17.83 4.33
CA VAL A 8 -7.56 -16.60 3.55
C VAL A 8 -7.93 -15.43 4.45
N PRO A 9 -7.45 -14.22 4.12
CA PRO A 9 -7.86 -13.07 4.93
C PRO A 9 -9.38 -12.89 4.88
N ASN A 10 -9.96 -12.61 6.03
CA ASN A 10 -11.40 -12.39 6.09
C ASN A 10 -11.72 -10.89 6.07
N LEU A 11 -11.13 -10.17 5.12
CA LEU A 11 -11.40 -8.76 4.84
C LEU A 11 -12.35 -8.64 3.67
N PRO A 12 -13.29 -7.70 3.69
CA PRO A 12 -14.19 -7.54 2.54
C PRO A 12 -13.39 -7.24 1.27
N LEU A 13 -13.90 -7.75 0.15
CA LEU A 13 -13.23 -7.55 -1.13
C LEU A 13 -12.90 -6.07 -1.35
N ASN A 14 -13.84 -5.17 -1.06
CA ASN A 14 -13.65 -3.76 -1.40
C ASN A 14 -12.81 -2.98 -0.40
N VAL A 15 -12.25 -3.61 0.64
CA VAL A 15 -11.18 -2.93 1.40
C VAL A 15 -9.81 -3.51 1.09
N MET A 16 -9.72 -4.56 0.29
CA MET A 16 -8.42 -5.10 -0.09
C MET A 16 -7.90 -4.36 -1.34
N SER A 17 -6.67 -4.67 -1.71
CA SER A 17 -5.96 -3.89 -2.73
C SER A 17 -5.45 -4.78 -3.87
N ASN A 18 -5.28 -4.12 -5.01
CA ASN A 18 -4.63 -4.75 -6.15
C ASN A 18 -3.20 -5.15 -5.80
N SER A 19 -2.73 -6.23 -6.42
CA SER A 19 -1.35 -6.67 -6.26
C SER A 19 -0.47 -6.26 -7.44
N ARG A 20 -1.02 -5.55 -8.43
CA ARG A 20 -0.24 -5.03 -9.54
C ARG A 20 -0.22 -3.51 -9.63
N VAL A 21 -1.14 -2.82 -8.95
CA VAL A 21 -1.06 -1.37 -8.75
C VAL A 21 -1.49 -1.07 -7.32
N PRO A 22 -1.00 0.04 -6.75
CA PRO A 22 -1.45 0.41 -5.39
C PRO A 22 -2.84 1.06 -5.41
N SER A 23 -3.87 0.23 -5.59
CA SER A 23 -5.26 0.71 -5.65
C SER A 23 -6.19 -0.25 -4.94
N LEU A 24 -7.28 0.32 -4.39
CA LEU A 24 -8.38 -0.49 -3.89
C LEU A 24 -8.92 -1.42 -4.96
N LEU A 25 -9.36 -2.61 -4.54
CA LEU A 25 -10.18 -3.46 -5.39
C LEU A 25 -11.62 -2.95 -5.37
N ASN A 26 -12.28 -2.95 -6.54
CA ASN A 26 -13.67 -2.55 -6.60
C ASN A 26 -14.53 -3.46 -7.47
N ALA A 27 -13.99 -4.58 -7.96
CA ALA A 27 -14.75 -5.52 -8.77
C ALA A 27 -13.99 -6.83 -8.86
N MET A 28 -14.70 -7.88 -9.22
CA MET A 28 -14.07 -9.08 -9.71
C MET A 28 -14.80 -9.49 -10.99
N VAL A 29 -14.04 -9.98 -11.98
CA VAL A 29 -14.58 -10.29 -13.30
C VAL A 29 -14.01 -11.61 -13.75
N VAL A 30 -14.60 -12.15 -14.81
CA VAL A 30 -13.99 -13.19 -15.62
C VAL A 30 -13.86 -12.66 -17.04
N SER A 31 -12.94 -13.24 -17.78
CA SER A 31 -12.83 -12.98 -19.22
C SER A 31 -12.28 -14.22 -19.89
N PRO A 32 -13.12 -15.25 -20.07
CA PRO A 32 -12.64 -16.52 -20.65
C PRO A 32 -12.12 -16.37 -22.07
N ASP A 33 -12.55 -15.35 -22.81
CA ASP A 33 -12.31 -15.27 -24.24
C ASP A 33 -11.21 -14.29 -24.62
N GLN A 34 -10.64 -13.56 -23.65
CA GLN A 34 -9.57 -12.64 -23.99
C GLN A 34 -8.35 -13.42 -24.48
N ALA A 35 -7.62 -12.81 -25.42
CA ALA A 35 -6.70 -13.52 -26.30
C ALA A 35 -5.26 -13.58 -25.78
N GLN A 36 -5.01 -13.12 -24.56
CA GLN A 36 -3.65 -13.09 -24.04
C GLN A 36 -3.37 -14.26 -23.10
N VAL A 37 -2.08 -14.57 -22.99
CA VAL A 37 -1.57 -15.45 -21.95
C VAL A 37 -1.75 -14.77 -20.60
N VAL A 38 -1.98 -15.57 -19.55
CA VAL A 38 -2.12 -15.05 -18.20
C VAL A 38 -0.80 -15.33 -17.48
N GLN A 39 0.02 -14.29 -17.31
CA GLN A 39 1.37 -14.52 -16.80
C GLN A 39 1.88 -13.29 -16.04
N PHE A 40 1.02 -12.68 -15.22
CA PHE A 40 1.46 -11.56 -14.40
C PHE A 40 2.69 -11.95 -13.58
N GLN A 41 3.55 -10.98 -13.30
CA GLN A 41 4.71 -11.24 -12.46
C GLN A 41 4.54 -10.74 -11.04
N ASN A 42 3.65 -9.75 -10.83
CA ASN A 42 3.25 -9.30 -9.51
C ASN A 42 1.92 -9.95 -9.12
N GLY A 43 1.69 -10.06 -7.81
CA GLY A 43 0.51 -10.76 -7.31
C GLY A 43 0.53 -12.26 -7.57
N ARG A 44 1.71 -12.88 -7.46
CA ARG A 44 1.90 -14.30 -7.69
C ARG A 44 2.44 -14.92 -6.43
N CYS A 45 1.68 -15.85 -5.85
CA CYS A 45 2.08 -16.47 -4.59
C CYS A 45 1.37 -17.81 -4.45
N THR A 46 2.11 -18.85 -4.07
CA THR A 46 1.50 -20.13 -3.78
C THR A 46 0.72 -20.06 -2.48
N LEU A 47 -0.14 -21.07 -2.28
CA LEU A 47 -0.97 -21.12 -1.07
C LEU A 47 -0.13 -21.39 0.18
N ASP A 48 1.02 -22.00 0.05
CA ASP A 48 1.90 -22.14 1.21
C ASP A 48 2.89 -20.96 1.35
N GLY A 49 2.72 -19.90 0.57
CA GLY A 49 3.40 -18.65 0.86
C GLY A 49 4.74 -18.42 0.17
N GLN A 50 4.95 -18.99 -1.02
CA GLN A 50 6.14 -18.69 -1.81
C GLN A 50 5.77 -17.74 -2.93
N MET A 51 6.35 -16.54 -2.89
CA MET A 51 6.10 -15.56 -3.93
C MET A 51 6.91 -15.90 -5.17
N LEU A 52 6.34 -15.58 -6.33
CA LEU A 52 6.92 -15.92 -7.63
C LEU A 52 7.11 -14.65 -8.45
N GLY A 53 7.84 -14.78 -9.55
CA GLY A 53 8.08 -13.63 -10.42
C GLY A 53 8.79 -12.51 -9.69
N THR A 54 8.19 -11.32 -9.70
CA THR A 54 8.71 -10.18 -8.97
C THR A 54 7.85 -9.82 -7.77
N THR A 55 6.97 -10.72 -7.35
CA THR A 55 6.00 -10.39 -6.32
C THR A 55 6.70 -10.07 -5.00
N THR A 56 6.37 -8.93 -4.42
CA THR A 56 6.77 -8.59 -3.06
C THR A 56 5.59 -8.73 -2.13
N VAL A 57 5.89 -8.92 -0.84
CA VAL A 57 4.88 -8.92 0.22
C VAL A 57 4.44 -7.51 0.59
N SER A 58 5.19 -6.49 0.18
CA SER A 58 5.07 -5.13 0.70
C SER A 58 4.13 -4.30 -0.17
N ALA A 59 2.96 -3.94 0.39
CA ALA A 59 1.97 -3.19 -0.36
C ALA A 59 2.58 -1.94 -0.98
N SER A 60 3.45 -1.27 -0.24
CA SER A 60 4.01 -0.01 -0.71
C SER A 60 5.13 -0.20 -1.73
N CYS A 61 5.43 -1.43 -2.12
CA CYS A 61 6.39 -1.69 -3.20
C CYS A 61 5.74 -2.08 -4.51
N VAL A 62 4.43 -2.37 -4.50
CA VAL A 62 3.71 -2.79 -5.70
C VAL A 62 3.77 -1.70 -6.76
N ALA A 63 4.33 -2.04 -7.93
CA ALA A 63 4.45 -1.13 -9.08
C ALA A 63 5.25 0.12 -8.74
N ARG A 64 6.31 -0.04 -7.95
CA ARG A 64 7.31 1.01 -7.75
C ARG A 64 8.65 0.52 -8.28
N PHE A 65 9.56 1.46 -8.51
CA PHE A 65 10.95 1.09 -8.73
C PHE A 65 11.85 2.22 -8.26
N ARG A 66 13.11 1.87 -8.03
CA ARG A 66 14.08 2.78 -7.45
C ARG A 66 15.40 2.63 -8.20
N GLY A 67 16.14 3.72 -8.32
CA GLY A 67 17.44 3.62 -8.94
C GLY A 67 18.21 4.91 -8.84
N LYS A 68 19.43 4.86 -9.38
CA LYS A 68 20.34 6.00 -9.39
C LYS A 68 20.50 6.50 -10.82
N THR A 69 20.56 7.82 -10.96
CA THR A 69 20.56 8.45 -12.26
C THR A 69 21.94 8.40 -12.90
N PHE A 70 21.95 8.26 -14.23
CA PHE A 70 23.11 8.60 -15.05
C PHE A 70 22.63 9.22 -16.35
N GLN A 71 23.55 9.89 -17.05
CA GLN A 71 23.20 10.57 -18.29
C GLN A 71 23.28 9.59 -19.46
N ALA A 72 22.19 9.47 -20.19
CA ALA A 72 22.10 8.69 -21.41
C ALA A 72 22.03 9.63 -22.61
N PRO A 73 22.25 9.12 -23.84
CA PRO A 73 22.28 10.02 -25.00
C PRO A 73 20.96 10.75 -25.23
N ASP A 74 21.06 11.93 -25.84
CA ASP A 74 19.90 12.74 -26.25
C ASP A 74 19.07 13.20 -25.06
N ASN A 75 19.76 13.57 -23.97
CA ASN A 75 19.11 14.08 -22.77
C ASN A 75 18.07 13.10 -22.21
N ARG A 76 18.27 11.80 -22.45
CA ARG A 76 17.52 10.77 -21.77
C ARG A 76 18.13 10.51 -20.41
N LEU A 77 17.30 10.12 -19.45
CA LEU A 77 17.73 9.87 -18.07
C LEU A 77 17.83 8.35 -17.85
N GLY A 78 19.07 7.83 -17.81
CA GLY A 78 19.27 6.44 -17.45
C GLY A 78 19.11 6.21 -15.96
N ILE A 79 18.60 5.02 -15.61
CA ILE A 79 18.40 4.63 -14.22
C ILE A 79 19.07 3.26 -13.98
N ASN A 80 20.01 3.22 -13.02
CA ASN A 80 20.55 1.96 -12.52
C ASN A 80 19.68 1.50 -11.34
N LEU A 81 18.93 0.43 -11.54
CA LEU A 81 17.91 0.00 -10.58
C LEU A 81 18.53 -0.57 -9.30
N ALA A 82 17.81 -0.38 -8.20
CA ALA A 82 18.06 -1.00 -6.91
C ALA A 82 16.74 -1.57 -6.40
N GLU A 83 16.77 -2.29 -5.26
CA GLU A 83 15.50 -2.64 -4.61
C GLU A 83 14.89 -1.37 -4.03
N ILE A 84 13.57 -1.39 -3.87
CA ILE A 84 12.86 -0.22 -3.33
C ILE A 84 13.38 0.11 -1.93
N SER A 85 13.82 -0.91 -1.18
CA SER A 85 14.44 -0.72 0.12
C SER A 85 15.79 -0.04 0.05
N GLY A 86 16.37 0.14 -1.14
CA GLY A 86 17.70 0.67 -1.29
C GLY A 86 18.80 -0.37 -1.41
N GLU A 87 18.51 -1.61 -1.03
CA GLU A 87 19.48 -2.70 -1.21
C GLU A 87 19.82 -2.89 -2.69
N PRO A 88 21.04 -3.35 -2.99
CA PRO A 88 21.43 -3.49 -4.40
C PRO A 88 20.59 -4.55 -5.11
N TYR A 89 20.37 -4.31 -6.40
CA TYR A 89 19.73 -5.27 -7.28
C TYR A 89 20.83 -5.87 -8.16
N HIS A 90 20.94 -7.19 -8.16
CA HIS A 90 21.87 -7.91 -9.01
C HIS A 90 21.10 -8.71 -10.05
N ALA A 91 21.65 -8.79 -11.25
CA ALA A 91 21.02 -9.57 -12.31
C ALA A 91 21.07 -11.07 -11.99
N PHE A 92 20.35 -11.86 -12.80
CA PHE A 92 20.45 -13.31 -12.86
C PHE A 92 19.80 -14.02 -11.68
N GLU A 93 18.96 -13.33 -10.90
CA GLU A 93 18.36 -13.96 -9.72
C GLU A 93 16.83 -13.88 -9.69
N SER A 94 16.23 -12.76 -10.15
CA SER A 94 14.78 -12.61 -10.33
C SER A 94 14.54 -11.91 -11.66
N PRO A 95 13.32 -11.89 -12.20
CA PRO A 95 13.12 -11.18 -13.48
C PRO A 95 13.43 -9.70 -13.41
N ALA A 96 13.23 -9.08 -12.26
CA ALA A 96 13.38 -7.64 -12.07
C ALA A 96 13.36 -7.42 -10.57
N PRO A 97 13.62 -6.21 -10.06
CA PRO A 97 13.54 -6.01 -8.60
C PRO A 97 12.13 -6.27 -8.08
N LEU A 98 12.04 -6.53 -6.77
CA LEU A 98 10.75 -6.80 -6.15
C LEU A 98 9.79 -5.63 -6.35
N GLY A 99 8.55 -5.97 -6.71
CA GLY A 99 7.53 -4.97 -6.94
C GLY A 99 7.58 -4.29 -8.31
N PHE A 100 8.61 -4.58 -9.11
CA PHE A 100 8.80 -3.89 -10.38
C PHE A 100 7.55 -3.99 -11.25
N PRO A 101 7.09 -2.88 -11.85
CA PRO A 101 5.81 -2.91 -12.60
C PRO A 101 5.83 -3.94 -13.72
N ASP A 102 4.71 -4.63 -13.91
CA ASP A 102 4.66 -5.69 -14.92
C ASP A 102 3.66 -5.36 -16.04
N PHE A 103 3.69 -4.11 -16.52
CA PHE A 103 2.88 -3.65 -17.66
C PHE A 103 3.82 -3.37 -18.83
N GLY A 104 3.70 -4.16 -19.89
CA GLY A 104 4.55 -4.00 -21.05
C GLY A 104 3.94 -3.34 -22.27
N ASP A 105 2.65 -3.01 -22.23
CA ASP A 105 1.92 -2.62 -23.44
C ASP A 105 1.66 -1.13 -23.55
N GLY A 106 2.32 -0.30 -22.75
CA GLY A 106 2.06 1.13 -22.86
C GLY A 106 3.05 1.94 -22.07
N ASP A 107 2.85 3.25 -22.10
CA ASP A 107 3.79 4.17 -21.44
C ASP A 107 3.51 4.24 -19.95
N TRP A 108 4.59 4.30 -19.17
CA TRP A 108 4.49 4.55 -17.75
C TRP A 108 4.86 6.01 -17.54
N HIS A 109 3.87 6.82 -17.15
CA HIS A 109 4.10 8.20 -16.77
C HIS A 109 4.42 8.22 -15.28
N VAL A 110 5.65 8.56 -14.94
CA VAL A 110 6.17 8.29 -13.60
C VAL A 110 6.43 9.60 -12.88
N THR A 111 6.20 9.57 -11.57
CA THR A 111 6.60 10.63 -10.66
C THR A 111 7.58 10.04 -9.66
N ALA A 112 8.75 10.67 -9.55
CA ALA A 112 9.81 10.23 -8.67
C ALA A 112 10.14 11.32 -7.65
N THR A 113 10.68 10.91 -6.52
CA THR A 113 11.25 11.86 -5.59
C THR A 113 12.64 11.38 -5.20
N LYS A 114 13.51 12.35 -4.90
CA LYS A 114 14.73 12.03 -4.17
C LYS A 114 14.37 11.34 -2.86
N VAL A 115 15.22 10.40 -2.44
CA VAL A 115 15.03 9.70 -1.18
C VAL A 115 16.24 9.77 -0.27
N THR A 116 17.33 10.41 -0.70
CA THR A 116 18.49 10.61 0.17
C THR A 116 18.19 11.71 1.18
N PRO A 117 18.24 11.43 2.49
CA PRO A 117 17.83 12.47 3.47
C PRO A 117 18.62 13.78 3.36
N SER A 118 19.92 13.72 3.07
CA SER A 118 20.73 14.94 2.97
C SER A 118 20.27 15.83 1.82
N GLN A 119 19.65 15.24 0.79
CA GLN A 119 19.10 15.99 -0.33
C GLN A 119 17.64 16.39 -0.13
N LEU A 120 17.13 16.27 1.09
CA LEU A 120 15.75 16.61 1.41
C LEU A 120 15.67 17.65 2.51
N GLU A 121 16.74 18.41 2.71
CA GLU A 121 16.70 19.49 3.66
C GLU A 121 15.98 20.71 3.11
N ALA A 122 15.83 20.80 1.79
CA ALA A 122 15.31 21.97 1.10
C ALA A 122 15.06 21.59 -0.35
N ASN A 123 14.23 22.41 -1.02
CA ASN A 123 13.98 22.37 -2.47
C ASN A 123 13.07 21.24 -2.95
N ASP A 124 12.56 21.41 -4.16
CA ASP A 124 11.65 20.48 -4.82
C ASP A 124 12.35 19.17 -5.18
N PRO A 125 11.96 18.04 -4.59
CA PRO A 125 12.64 16.76 -4.85
C PRO A 125 12.09 15.95 -6.02
N VAL A 126 11.20 16.51 -6.84
CA VAL A 126 10.44 15.73 -7.81
C VAL A 126 11.18 15.65 -9.14
N VAL A 127 11.12 14.47 -9.75
CA VAL A 127 11.47 14.27 -11.14
C VAL A 127 10.31 13.52 -11.78
N VAL A 128 9.81 14.01 -12.91
CA VAL A 128 8.77 13.32 -13.65
C VAL A 128 9.31 12.95 -15.03
N GLY A 129 8.66 11.98 -15.65
CA GLY A 129 9.06 11.57 -16.97
C GLY A 129 8.20 10.42 -17.43
N ASN A 130 8.72 9.70 -18.43
CA ASN A 130 7.95 8.67 -19.12
C ASN A 130 8.88 7.49 -19.38
N VAL A 131 8.45 6.29 -18.99
CA VAL A 131 9.21 5.07 -19.23
C VAL A 131 8.48 4.29 -20.32
N GLN A 132 9.21 3.86 -21.33
CA GLN A 132 8.60 3.11 -22.41
C GLN A 132 9.14 1.69 -22.39
N PRO A 133 8.40 0.71 -21.84
CA PRO A 133 8.95 -0.64 -21.69
C PRO A 133 9.17 -1.35 -23.01
N TYR A 134 8.52 -0.90 -24.09
CA TYR A 134 8.78 -1.43 -25.43
C TYR A 134 10.00 -0.79 -26.10
N ASN A 135 10.63 0.21 -25.46
CA ASN A 135 11.85 0.85 -25.95
C ASN A 135 13.01 -0.16 -25.94
N PRO A 136 13.95 -0.02 -26.89
CA PRO A 136 15.10 -0.95 -26.91
C PRO A 136 16.07 -0.82 -25.74
N GLN A 137 16.05 0.29 -24.98
CA GLN A 137 16.91 0.47 -23.82
C GLN A 137 16.19 0.14 -22.51
N PHE A 138 15.17 -0.68 -22.56
CA PHE A 138 14.46 -1.16 -21.37
C PHE A 138 15.07 -2.52 -21.05
N ALA A 139 15.89 -2.59 -19.99
CA ALA A 139 16.58 -3.82 -19.61
C ALA A 139 16.47 -4.04 -18.11
N PRO A 140 15.26 -4.33 -17.60
CA PRO A 140 15.10 -4.41 -16.15
C PRO A 140 15.77 -5.63 -15.51
N HIS A 141 15.83 -6.77 -16.20
CA HIS A 141 16.55 -7.91 -15.60
C HIS A 141 18.02 -7.57 -15.33
N LEU A 142 18.67 -6.85 -16.24
CA LEU A 142 20.06 -6.48 -16.06
C LEU A 142 20.21 -5.20 -15.25
N GLY A 143 19.10 -4.59 -14.83
CA GLY A 143 19.14 -3.53 -13.84
C GLY A 143 19.12 -2.10 -14.37
N THR A 144 18.76 -1.88 -15.63
CA THR A 144 18.83 -0.54 -16.20
C THR A 144 17.61 -0.24 -17.04
N LEU A 145 17.17 1.01 -17.01
CA LEU A 145 16.11 1.51 -17.88
C LEU A 145 16.34 2.99 -18.10
N VAL A 146 15.52 3.58 -18.96
CA VAL A 146 15.64 4.98 -19.36
C VAL A 146 14.34 5.70 -19.12
N VAL A 147 14.42 6.89 -18.51
CA VAL A 147 13.29 7.79 -18.35
C VAL A 147 13.33 8.81 -19.49
N GLU A 148 12.38 8.71 -20.43
CA GLU A 148 12.28 9.67 -21.52
C GLU A 148 11.70 11.00 -21.02
N ASN A 149 12.13 12.08 -21.66
CA ASN A 149 11.62 13.43 -21.41
C ASN A 149 11.55 13.80 -19.92
N PRO A 150 12.66 13.73 -19.19
CA PRO A 150 12.60 14.07 -17.77
C PRO A 150 12.42 15.56 -17.54
N THR A 151 11.75 15.89 -16.43
CA THR A 151 11.66 17.24 -15.91
C THR A 151 12.00 17.20 -14.43
N PRO A 152 13.11 17.80 -13.97
CA PRO A 152 14.11 18.58 -14.74
C PRO A 152 14.86 17.74 -15.79
N ASP A 153 15.33 18.36 -16.89
CA ASP A 153 15.99 17.61 -17.96
C ASP A 153 17.43 17.28 -17.63
N GLN A 154 17.96 17.82 -16.54
CA GLN A 154 19.29 17.55 -16.08
C GLN A 154 19.18 17.22 -14.60
N VAL A 155 19.47 15.99 -14.24
CA VAL A 155 19.52 15.55 -12.85
C VAL A 155 20.94 15.07 -12.60
N ALA A 156 21.54 15.53 -11.51
CA ALA A 156 22.90 15.14 -11.18
C ALA A 156 23.05 13.62 -11.23
N THR A 157 24.16 13.16 -11.81
CA THR A 157 24.47 11.75 -11.85
C THR A 157 24.56 11.20 -10.42
N GLY A 158 24.06 9.97 -10.24
CA GLY A 158 24.07 9.35 -8.92
C GLY A 158 22.93 9.73 -7.99
N THR A 159 21.94 10.49 -8.46
CA THR A 159 20.80 10.82 -7.62
C THR A 159 19.91 9.58 -7.41
N ASP A 160 19.63 9.28 -6.14
CA ASP A 160 18.78 8.16 -5.74
C ASP A 160 17.31 8.56 -5.84
N LEU A 161 16.54 7.91 -6.74
CA LEU A 161 15.15 8.29 -7.00
C LEU A 161 14.18 7.13 -6.77
N LEU A 162 13.07 7.39 -6.07
CA LEU A 162 11.99 6.40 -5.93
C LEU A 162 10.83 6.79 -6.84
N PHE A 163 10.44 5.88 -7.74
CA PHE A 163 9.43 6.14 -8.76
C PHE A 163 8.08 5.49 -8.43
N ASN A 164 7.02 6.23 -8.68
CA ASN A 164 5.66 5.70 -8.75
C ASN A 164 5.15 5.87 -10.17
N ILE A 165 4.19 5.03 -10.54
CA ILE A 165 3.49 5.19 -11.81
C ILE A 165 2.26 6.04 -11.55
N THR A 166 2.29 7.29 -12.02
CA THR A 166 1.13 8.17 -11.87
C THR A 166 -0.02 7.74 -12.79
N TRP A 167 0.28 7.44 -14.05
CA TRP A 167 -0.73 6.86 -14.93
C TRP A 167 -0.06 6.06 -16.03
N LEU A 168 -0.86 5.23 -16.68
CA LEU A 168 -0.45 4.44 -17.83
C LEU A 168 -1.24 4.90 -19.05
N SER A 169 -0.66 4.73 -20.24
CA SER A 169 -1.38 5.13 -21.44
C SER A 169 -1.05 4.20 -22.60
N ASN A 170 -1.97 4.16 -23.57
CA ASN A 170 -1.84 3.34 -24.76
C ASN A 170 -0.71 3.84 -25.66
N ARG A 171 -0.16 2.92 -26.45
CA ARG A 171 0.71 3.35 -27.54
C ARG A 171 -0.14 3.99 -28.64
N ALA A 172 0.53 4.75 -29.51
CA ALA A 172 -0.17 5.40 -30.61
C ALA A 172 -0.91 4.39 -31.48
N ASN A 173 -2.17 4.70 -31.80
CA ASN A 173 -3.06 3.87 -32.63
C ASN A 173 -3.27 2.48 -32.05
N ASN A 174 -3.15 2.31 -30.73
CA ASN A 174 -3.48 1.04 -30.08
C ASN A 174 -4.23 1.33 -28.79
N ARG A 175 -4.80 0.28 -28.21
CA ARG A 175 -5.32 0.34 -26.85
C ARG A 175 -4.27 -0.26 -25.89
N PHE A 176 -4.38 0.11 -24.62
CA PHE A 176 -3.48 -0.40 -23.59
C PHE A 176 -4.07 -1.68 -23.00
N ASN A 177 -3.42 -2.81 -23.26
CA ASN A 177 -3.86 -4.09 -22.74
C ASN A 177 -3.13 -4.36 -21.42
N PRO A 178 -3.81 -4.33 -20.27
CA PRO A 178 -3.13 -4.55 -18.99
C PRO A 178 -2.73 -5.99 -18.72
N TRP A 179 -3.04 -6.94 -19.62
CA TRP A 179 -2.58 -8.31 -19.42
C TRP A 179 -1.12 -8.49 -19.85
N VAL A 180 -0.64 -7.66 -20.78
CA VAL A 180 0.69 -7.85 -21.36
C VAL A 180 1.77 -7.51 -20.34
N ILE A 181 2.68 -8.45 -20.10
CA ILE A 181 3.81 -8.20 -19.20
C ILE A 181 4.99 -7.67 -20.02
N PRO A 182 5.97 -7.02 -19.39
CA PRO A 182 7.14 -6.54 -20.12
C PRO A 182 7.99 -7.69 -20.63
N ASN A 183 8.86 -7.35 -21.58
CA ASN A 183 9.98 -8.21 -21.95
C ASN A 183 11.12 -7.82 -21.02
N TYR A 184 11.46 -8.70 -20.08
CA TYR A 184 12.44 -8.35 -19.09
C TYR A 184 13.86 -8.40 -19.64
N GLY A 185 14.01 -8.93 -20.86
CA GLY A 185 15.28 -8.93 -21.55
C GLY A 185 16.13 -10.13 -21.20
N SER A 186 17.37 -10.07 -21.68
CA SER A 186 18.44 -11.02 -21.37
C SER A 186 18.02 -12.46 -21.67
N THR A 187 18.70 -13.40 -21.02
CA THR A 187 18.21 -14.76 -20.83
C THR A 187 18.07 -14.99 -19.33
N LEU A 188 16.89 -15.37 -18.90
CA LEU A 188 16.68 -15.59 -17.48
C LEU A 188 17.27 -16.94 -17.10
N THR A 189 18.23 -16.93 -16.15
CA THR A 189 18.63 -18.14 -15.47
C THR A 189 17.40 -18.88 -14.89
N GLU A 190 17.67 -20.12 -14.44
CA GLU A 190 16.58 -20.94 -13.89
C GLU A 190 16.06 -20.29 -12.60
N ALA A 191 16.94 -19.74 -11.78
CA ALA A 191 16.54 -19.03 -10.57
C ALA A 191 15.72 -17.78 -10.89
N ALA A 192 16.06 -17.06 -11.97
CA ALA A 192 15.44 -15.79 -12.29
C ALA A 192 14.20 -15.94 -13.16
N GLN A 193 13.69 -17.15 -13.31
CA GLN A 193 12.60 -17.41 -14.25
C GLN A 193 11.34 -16.63 -13.90
N LEU A 194 10.60 -16.27 -14.94
CA LEU A 194 9.28 -15.69 -14.77
C LEU A 194 8.36 -16.64 -14.01
N ALA A 195 7.45 -16.07 -13.23
CA ALA A 195 6.33 -16.84 -12.73
C ALA A 195 5.62 -17.48 -13.93
N PRO A 196 5.21 -18.75 -13.82
CA PRO A 196 4.69 -19.44 -15.01
C PRO A 196 3.36 -18.84 -15.46
N SER A 197 2.97 -19.19 -16.68
CA SER A 197 1.66 -18.78 -17.16
C SER A 197 0.61 -19.72 -16.60
N ILE A 198 -0.60 -19.20 -16.41
CA ILE A 198 -1.69 -20.00 -15.85
C ILE A 198 -2.59 -20.46 -16.99
N PHE A 199 -2.83 -21.71 -17.03
CA PHE A 199 -3.65 -22.17 -18.14
C PHE A 199 -5.08 -22.41 -17.67
N PRO A 200 -6.05 -22.28 -18.58
CA PRO A 200 -7.46 -22.37 -18.17
C PRO A 200 -7.74 -23.71 -17.52
N PRO A 201 -8.39 -23.71 -16.36
CA PRO A 201 -8.67 -24.96 -15.66
C PRO A 201 -9.86 -25.65 -16.30
N GLY A 202 -10.07 -26.91 -15.91
CA GLY A 202 -11.18 -27.68 -16.44
C GLY A 202 -12.47 -27.43 -15.70
N PHE A 203 -13.41 -28.37 -15.90
CA PHE A 203 -14.66 -28.45 -15.15
C PHE A 203 -15.50 -27.19 -15.30
N GLY A 204 -15.42 -26.56 -16.47
CA GLY A 204 -16.21 -25.37 -16.73
C GLY A 204 -15.76 -24.15 -15.97
N GLU A 205 -14.57 -24.20 -15.38
CA GLU A 205 -14.08 -23.10 -14.57
C GLU A 205 -13.38 -22.06 -15.44
N THR A 206 -13.37 -20.82 -14.94
CA THR A 206 -12.60 -19.76 -15.58
C THR A 206 -11.95 -18.92 -14.50
N ILE A 207 -10.80 -18.32 -14.85
CA ILE A 207 -9.99 -17.56 -13.90
C ILE A 207 -10.72 -16.31 -13.47
N VAL A 208 -10.69 -16.03 -12.15
CA VAL A 208 -11.30 -14.82 -11.59
C VAL A 208 -10.23 -13.75 -11.44
N TYR A 209 -10.51 -12.55 -11.94
CA TYR A 209 -9.62 -11.41 -11.82
C TYR A 209 -10.19 -10.41 -10.82
N PHE A 210 -9.32 -9.89 -9.96
CA PHE A 210 -9.69 -8.83 -9.04
C PHE A 210 -9.29 -7.51 -9.67
N ASN A 211 -10.27 -6.64 -9.93
CA ASN A 211 -10.08 -5.42 -10.70
C ASN A 211 -10.01 -4.21 -9.79
N SER A 212 -9.21 -3.23 -10.22
CA SER A 212 -9.17 -1.90 -9.64
C SER A 212 -9.48 -0.87 -10.73
N THR A 213 -10.17 0.18 -10.37
CA THR A 213 -10.16 1.37 -11.22
C THR A 213 -8.82 2.09 -11.02
N PHE A 214 -8.16 2.40 -12.14
CA PHE A 214 -6.83 2.96 -12.06
C PHE A 214 -6.65 3.89 -13.26
N PRO A 215 -5.86 4.96 -13.12
CA PRO A 215 -5.66 5.85 -14.28
C PRO A 215 -4.83 5.20 -15.38
N ALA A 216 -5.42 4.21 -16.05
CA ALA A 216 -4.83 3.57 -17.22
C ALA A 216 -5.63 4.11 -18.41
N VAL A 217 -5.03 5.08 -19.10
CA VAL A 217 -5.76 5.82 -20.13
C VAL A 217 -5.74 5.03 -21.43
N GLY A 218 -6.91 4.94 -22.07
CA GLY A 218 -6.99 4.28 -23.36
C GLY A 218 -6.84 2.78 -23.29
N ALA A 219 -7.35 2.15 -22.23
CA ALA A 219 -7.14 0.73 -21.98
C ALA A 219 -8.21 -0.10 -22.67
N THR A 220 -7.86 -1.37 -22.92
CA THR A 220 -8.84 -2.32 -23.45
C THR A 220 -9.93 -2.63 -22.43
N THR A 221 -9.71 -2.29 -21.17
CA THR A 221 -10.63 -2.59 -20.08
C THR A 221 -11.37 -1.37 -19.58
N HIS A 222 -11.10 -0.19 -20.12
CA HIS A 222 -11.73 1.02 -19.62
C HIS A 222 -11.36 1.25 -18.14
N ALA A 223 -10.08 1.55 -17.99
CA ALA A 223 -9.49 2.04 -16.75
C ALA A 223 -9.53 1.00 -15.62
N ALA A 224 -9.42 -0.29 -15.95
CA ALA A 224 -9.44 -1.36 -14.95
C ALA A 224 -8.19 -2.22 -15.06
N ILE A 225 -7.52 -2.43 -13.92
CA ILE A 225 -6.31 -3.23 -13.84
C ILE A 225 -6.65 -4.55 -13.17
N PRO A 226 -6.41 -5.69 -13.82
CA PRO A 226 -6.70 -6.99 -13.23
C PRO A 226 -5.50 -7.59 -12.51
N CYS A 227 -5.79 -8.38 -11.47
CA CYS A 227 -4.76 -9.17 -10.80
C CYS A 227 -5.35 -10.51 -10.35
N LEU A 228 -4.47 -11.48 -10.06
CA LEU A 228 -4.92 -12.81 -9.70
C LEU A 228 -5.23 -12.97 -8.21
N LEU A 229 -4.64 -12.14 -7.35
CA LEU A 229 -4.75 -12.28 -5.92
C LEU A 229 -4.72 -10.87 -5.33
N PRO A 230 -5.59 -10.56 -4.37
CA PRO A 230 -5.41 -9.32 -3.61
C PRO A 230 -4.06 -9.34 -2.88
N GLN A 231 -3.44 -8.17 -2.79
CA GLN A 231 -2.17 -8.05 -2.07
C GLN A 231 -2.27 -8.63 -0.67
N GLU A 232 -3.42 -8.42 -0.01
CA GLU A 232 -3.63 -8.98 1.34
C GLU A 232 -3.58 -10.51 1.35
N PHE A 233 -4.06 -11.17 0.28
CA PHE A 233 -3.89 -12.62 0.17
C PHE A 233 -2.41 -12.98 0.12
N VAL A 234 -1.65 -12.29 -0.72
CA VAL A 234 -0.20 -12.51 -0.80
C VAL A 234 0.43 -12.39 0.58
N ALA A 235 0.19 -11.26 1.25
CA ALA A 235 0.75 -11.04 2.58
C ALA A 235 0.28 -12.11 3.56
N HIS A 236 -0.98 -12.53 3.45
CA HIS A 236 -1.51 -13.55 4.35
C HIS A 236 -0.77 -14.88 4.19
N PHE A 237 -0.58 -15.32 2.93
CA PHE A 237 0.04 -16.62 2.69
C PHE A 237 1.51 -16.61 3.11
N VAL A 238 2.23 -15.54 2.81
CA VAL A 238 3.62 -15.42 3.27
C VAL A 238 3.67 -15.46 4.80
N ASN A 239 2.75 -14.76 5.46
CA ASN A 239 2.74 -14.74 6.92
C ASN A 239 2.43 -16.13 7.49
N GLU A 240 1.50 -16.86 6.86
CA GLU A 240 0.96 -18.09 7.43
C GLU A 240 1.81 -19.32 7.10
N GLN A 241 2.28 -19.44 5.85
CA GLN A 241 3.08 -20.59 5.41
C GLN A 241 2.36 -21.91 5.69
N ALA A 242 1.06 -21.92 5.50
CA ALA A 242 0.27 -23.13 5.76
C ALA A 242 0.55 -24.16 4.68
N PRO A 243 0.95 -25.39 5.04
CA PRO A 243 1.28 -26.38 4.01
C PRO A 243 0.06 -26.70 3.16
N ILE A 244 0.30 -27.01 1.90
CA ILE A 244 -0.76 -27.42 0.98
C ILE A 244 -1.17 -28.85 1.31
N ARG A 245 -2.47 -29.04 1.54
CA ARG A 245 -3.01 -30.30 2.05
C ARG A 245 -4.15 -30.83 1.19
N GLY A 246 -4.18 -30.43 -0.08
CA GLY A 246 -5.20 -30.86 -1.02
C GLY A 246 -4.90 -30.26 -2.37
N GLU A 247 -5.71 -30.66 -3.36
CA GLU A 247 -5.44 -30.23 -4.73
C GLU A 247 -5.99 -28.84 -5.02
N ALA A 248 -6.97 -28.38 -4.23
CA ALA A 248 -7.50 -27.04 -4.35
C ALA A 248 -8.20 -26.70 -3.05
N ALA A 249 -8.40 -25.41 -2.83
CA ALA A 249 -9.08 -24.92 -1.63
C ALA A 249 -10.41 -24.30 -2.03
N LEU A 250 -11.50 -24.85 -1.51
CA LEU A 250 -12.84 -24.33 -1.73
C LEU A 250 -13.06 -23.11 -0.83
N LEU A 251 -13.47 -22.00 -1.44
CA LEU A 251 -13.84 -20.79 -0.72
C LEU A 251 -15.31 -20.49 -0.94
N HIS A 252 -15.95 -19.94 0.09
CA HIS A 252 -17.24 -19.28 -0.08
C HIS A 252 -17.04 -17.78 0.05
N TYR A 253 -17.86 -17.03 -0.68
CA TYR A 253 -17.82 -15.57 -0.63
C TYR A 253 -19.08 -15.13 0.10
N ILE A 254 -18.93 -14.69 1.34
CA ILE A 254 -20.03 -14.61 2.29
C ILE A 254 -20.54 -13.17 2.38
N ASP A 255 -21.85 -13.00 2.33
CA ASP A 255 -22.42 -11.69 2.59
C ASP A 255 -22.16 -11.29 4.04
N PRO A 256 -21.72 -10.06 4.29
CA PRO A 256 -21.48 -9.65 5.68
C PRO A 256 -22.76 -9.27 6.42
N ASP A 257 -23.85 -9.04 5.70
CA ASP A 257 -25.13 -8.63 6.29
C ASP A 257 -26.04 -9.84 6.55
N THR A 258 -26.43 -10.54 5.49
CA THR A 258 -27.27 -11.72 5.62
C THR A 258 -26.49 -12.95 6.08
N HIS A 259 -25.17 -12.91 5.98
CA HIS A 259 -24.26 -13.97 6.39
C HIS A 259 -24.38 -15.21 5.51
N ARG A 260 -25.06 -15.09 4.39
CA ARG A 260 -25.30 -16.20 3.46
C ARG A 260 -24.22 -16.26 2.38
N ASN A 261 -24.10 -17.43 1.79
CA ASN A 261 -23.13 -17.74 0.75
C ASN A 261 -23.57 -17.10 -0.56
N LEU A 262 -22.74 -16.20 -1.11
CA LEU A 262 -23.04 -15.57 -2.38
C LEU A 262 -22.46 -16.32 -3.57
N GLY A 263 -21.50 -17.21 -3.34
CA GLY A 263 -20.83 -17.86 -4.45
C GLY A 263 -19.68 -18.77 -4.02
N GLU A 264 -19.52 -19.85 -4.76
CA GLU A 264 -18.46 -20.83 -4.54
C GLU A 264 -17.28 -20.52 -5.45
N PHE A 265 -16.07 -20.65 -4.91
CA PHE A 265 -14.84 -20.40 -5.65
C PHE A 265 -13.79 -21.45 -5.27
N LYS A 266 -12.88 -21.72 -6.21
CA LYS A 266 -11.70 -22.52 -5.92
C LYS A 266 -10.45 -21.63 -6.01
N ILE A 267 -9.51 -21.84 -5.10
CA ILE A 267 -8.19 -21.22 -5.20
C ILE A 267 -7.19 -22.36 -5.23
N TYR A 268 -6.31 -22.34 -6.24
CA TYR A 268 -5.41 -23.43 -6.58
C TYR A 268 -4.05 -23.21 -5.96
N PRO A 269 -3.31 -24.31 -5.71
CA PRO A 269 -2.01 -24.19 -5.04
C PRO A 269 -1.06 -23.19 -5.67
N GLU A 270 -1.09 -23.07 -7.00
CA GLU A 270 -0.28 -22.14 -7.78
C GLU A 270 -0.64 -20.67 -7.53
N GLY A 271 -1.78 -20.40 -6.94
CA GLY A 271 -2.10 -19.03 -6.56
C GLY A 271 -3.04 -18.29 -7.50
N PHE A 272 -4.18 -18.90 -7.85
CA PHE A 272 -5.19 -18.21 -8.64
C PHE A 272 -6.57 -18.76 -8.29
N VAL A 273 -7.58 -17.92 -8.53
CA VAL A 273 -8.96 -18.19 -8.13
C VAL A 273 -9.78 -18.47 -9.39
N THR A 274 -10.70 -19.42 -9.28
CA THR A 274 -11.62 -19.72 -10.38
C THR A 274 -13.06 -19.77 -9.86
N CYS A 275 -13.99 -19.75 -10.80
CA CYS A 275 -15.41 -19.99 -10.55
C CYS A 275 -16.02 -20.58 -11.82
N VAL A 276 -17.28 -20.97 -11.72
CA VAL A 276 -18.09 -21.36 -12.88
C VAL A 276 -19.16 -20.27 -13.07
N PRO A 277 -19.06 -19.44 -14.10
CA PRO A 277 -20.10 -18.43 -14.34
C PRO A 277 -21.42 -19.09 -14.72
N ASN A 278 -22.51 -18.59 -14.14
CA ASN A 278 -23.84 -18.96 -14.63
C ASN A 278 -23.92 -18.64 -16.12
N VAL A 279 -24.47 -19.57 -16.89
CA VAL A 279 -24.37 -19.49 -18.34
C VAL A 279 -25.02 -18.20 -18.85
N GLY A 280 -24.27 -17.46 -19.67
CA GLY A 280 -24.79 -16.26 -20.30
C GLY A 280 -24.83 -15.02 -19.44
N GLY A 281 -24.00 -14.95 -18.40
CA GLY A 281 -23.95 -13.77 -17.54
C GLY A 281 -22.51 -13.43 -17.21
N THR A 282 -22.31 -12.46 -16.31
CA THR A 282 -20.97 -11.94 -16.01
C THR A 282 -20.27 -12.69 -14.86
N GLY A 283 -20.78 -13.83 -14.44
CA GLY A 283 -20.18 -14.57 -13.34
C GLY A 283 -20.21 -13.77 -12.06
N PRO A 284 -19.04 -13.66 -11.39
CA PRO A 284 -19.00 -12.98 -10.08
C PRO A 284 -19.12 -11.47 -10.16
N GLN A 285 -19.13 -10.87 -11.36
CA GLN A 285 -19.10 -9.42 -11.47
C GLN A 285 -20.33 -8.75 -10.90
N SER A 286 -21.47 -9.44 -10.88
CA SER A 286 -22.72 -8.86 -10.38
C SER A 286 -22.89 -9.01 -8.88
N LEU A 287 -22.04 -9.78 -8.22
CA LEU A 287 -22.11 -9.93 -6.77
C LEU A 287 -21.74 -8.63 -6.07
N PRO A 288 -22.29 -8.37 -4.89
CA PRO A 288 -21.83 -7.23 -4.10
C PRO A 288 -20.34 -7.35 -3.79
N THR A 289 -19.66 -6.20 -3.75
CA THR A 289 -18.22 -6.19 -3.57
C THR A 289 -17.79 -6.08 -2.12
N ASN A 290 -18.74 -6.16 -1.18
CA ASN A 290 -18.44 -6.04 0.23
C ASN A 290 -18.52 -7.38 0.95
N GLY A 291 -18.49 -8.49 0.22
CA GLY A 291 -18.47 -9.78 0.84
C GLY A 291 -17.07 -10.21 1.23
N VAL A 292 -17.00 -11.34 1.93
CA VAL A 292 -15.76 -11.82 2.52
C VAL A 292 -15.53 -13.24 2.05
N PHE A 293 -14.30 -13.53 1.60
CA PHE A 293 -13.92 -14.90 1.27
C PHE A 293 -13.60 -15.69 2.53
N VAL A 294 -14.10 -16.93 2.58
CA VAL A 294 -13.88 -17.80 3.73
C VAL A 294 -13.47 -19.18 3.22
N PHE A 295 -12.44 -19.76 3.83
CA PHE A 295 -12.00 -21.11 3.50
C PHE A 295 -13.01 -22.14 4.03
N VAL A 296 -13.47 -23.04 3.15
CA VAL A 296 -14.38 -24.12 3.55
C VAL A 296 -13.60 -25.39 3.81
N SER A 297 -12.88 -25.88 2.81
CA SER A 297 -12.10 -27.10 2.93
C SER A 297 -11.19 -27.20 1.72
N TRP A 298 -10.16 -28.02 1.85
CA TRP A 298 -9.48 -28.54 0.68
C TRP A 298 -10.44 -29.47 -0.07
N VAL A 299 -10.30 -29.49 -1.40
CA VAL A 299 -11.10 -30.35 -2.28
C VAL A 299 -10.15 -30.83 -3.37
N SER A 300 -10.61 -31.82 -4.16
CA SER A 300 -9.81 -32.26 -5.30
C SER A 300 -10.07 -31.35 -6.50
N ARG A 301 -9.26 -31.53 -7.55
CA ARG A 301 -9.44 -30.71 -8.75
C ARG A 301 -10.82 -30.89 -9.38
N TYR A 302 -11.45 -32.06 -9.21
CA TYR A 302 -12.71 -32.28 -9.91
C TYR A 302 -13.94 -31.89 -9.09
N TYR A 303 -13.77 -31.25 -7.93
CA TYR A 303 -14.93 -30.71 -7.22
C TYR A 303 -15.66 -29.72 -8.13
N GLN A 304 -16.98 -29.89 -8.28
CA GLN A 304 -17.77 -29.11 -9.24
C GLN A 304 -18.43 -27.94 -8.52
N LEU A 305 -18.04 -26.72 -8.91
CA LEU A 305 -18.57 -25.52 -8.29
C LEU A 305 -19.99 -25.24 -8.77
N LYS A 306 -20.84 -24.81 -7.84
CA LYS A 306 -22.13 -24.26 -8.21
C LYS A 306 -21.91 -23.01 -9.07
N PRO A 307 -22.62 -22.87 -10.18
CA PRO A 307 -22.49 -21.64 -10.97
C PRO A 307 -22.72 -20.40 -10.14
N VAL A 308 -21.94 -19.36 -10.40
CA VAL A 308 -22.04 -18.09 -9.70
C VAL A 308 -22.56 -17.03 -10.67
N GLY A 309 -23.37 -16.11 -10.15
CA GLY A 309 -23.88 -15.01 -10.95
C GLY A 309 -25.26 -15.29 -11.50
N THR A 310 -25.72 -14.36 -12.33
CA THR A 310 -27.03 -14.46 -12.97
C THR A 310 -26.89 -14.89 -14.43
N ALA A 311 -28.02 -15.29 -15.02
CA ALA A 311 -28.07 -15.79 -16.38
C ALA A 311 -28.01 -14.69 -17.43
N GLY A 312 -28.02 -13.43 -17.02
CA GLY A 312 -27.82 -12.32 -17.95
C GLY A 312 -28.85 -11.22 -17.80
N THR B 3 -11.69 -17.61 22.41
CA THR B 3 -10.66 -18.61 22.14
C THR B 3 -9.66 -18.15 21.06
N LYS B 4 -10.00 -17.14 20.24
CA LYS B 4 -9.02 -16.67 19.26
C LYS B 4 -7.86 -16.01 20.00
N GLN B 5 -6.68 -16.62 19.92
CA GLN B 5 -5.53 -16.11 20.66
C GLN B 5 -4.87 -14.95 19.91
N PHE B 6 -4.29 -14.03 20.68
CA PHE B 6 -3.67 -12.84 20.10
C PHE B 6 -2.36 -13.20 19.41
N SER B 7 -2.01 -12.41 18.40
CA SER B 7 -0.74 -12.57 17.70
C SER B 7 -0.45 -11.29 16.93
N VAL B 8 0.79 -11.17 16.45
CA VAL B 8 1.17 -10.07 15.58
C VAL B 8 1.67 -10.68 14.27
N PRO B 9 1.68 -9.91 13.19
CA PRO B 9 2.23 -10.45 11.94
C PRO B 9 3.68 -10.83 12.13
N ASN B 10 4.07 -11.98 11.59
CA ASN B 10 5.47 -12.39 11.66
C ASN B 10 6.21 -12.06 10.37
N LEU B 11 6.10 -10.81 9.95
CA LEU B 11 6.83 -10.23 8.84
C LEU B 11 8.02 -9.44 9.34
N PRO B 12 9.17 -9.49 8.68
CA PRO B 12 10.31 -8.66 9.11
C PRO B 12 9.95 -7.19 9.09
N LEU B 13 10.49 -6.45 10.07
CA LEU B 13 10.21 -5.02 10.16
C LEU B 13 10.42 -4.33 8.82
N ASN B 14 11.51 -4.67 8.11
CA ASN B 14 11.84 -3.91 6.90
C ASN B 14 11.07 -4.36 5.65
N VAL B 15 10.11 -5.29 5.75
CA VAL B 15 9.19 -5.48 4.64
C VAL B 15 7.80 -4.91 4.93
N MET B 16 7.55 -4.48 6.17
CA MET B 16 6.27 -3.88 6.53
C MET B 16 6.27 -2.39 6.19
N SER B 17 5.11 -1.77 6.27
CA SER B 17 4.96 -0.41 5.78
C SER B 17 4.44 0.54 6.87
N ASN B 18 4.74 1.82 6.67
CA ASN B 18 4.20 2.89 7.50
C ASN B 18 2.68 2.90 7.42
N SER B 19 2.05 3.36 8.50
CA SER B 19 0.60 3.51 8.54
C SER B 19 0.15 4.96 8.38
N ARG B 20 1.09 5.88 8.13
CA ARG B 20 0.75 7.29 7.89
C ARG B 20 1.20 7.82 6.54
N VAL B 21 2.13 7.13 5.87
CA VAL B 21 2.45 7.34 4.46
C VAL B 21 2.64 5.99 3.81
N PRO B 22 2.42 5.90 2.50
CA PRO B 22 2.65 4.59 1.83
C PRO B 22 4.13 4.35 1.53
N SER B 23 4.90 3.97 2.55
CA SER B 23 6.33 3.73 2.40
C SER B 23 6.76 2.55 3.25
N LEU B 24 7.83 1.87 2.80
CA LEU B 24 8.50 0.86 3.61
C LEU B 24 8.93 1.44 4.96
N LEU B 25 8.87 0.61 5.99
CA LEU B 25 9.56 0.90 7.25
C LEU B 25 11.04 0.56 7.10
N ASN B 26 11.91 1.45 7.60
CA ASN B 26 13.34 1.17 7.56
C ASN B 26 14.03 1.47 8.89
N ALA B 27 13.29 1.76 9.95
CA ALA B 27 13.88 2.03 11.26
C ALA B 27 12.79 1.97 12.33
N MET B 28 13.24 1.78 13.56
CA MET B 28 12.41 2.12 14.71
C MET B 28 13.25 2.97 15.65
N VAL B 29 12.61 3.95 16.29
CA VAL B 29 13.28 4.93 17.13
C VAL B 29 12.45 5.16 18.39
N VAL B 30 13.07 5.79 19.38
CA VAL B 30 12.35 6.39 20.50
C VAL B 30 12.62 7.89 20.47
N SER B 31 11.72 8.63 21.06
CA SER B 31 11.86 10.08 21.14
C SER B 31 11.29 10.56 22.47
N PRO B 32 11.88 10.17 23.60
CA PRO B 32 11.24 10.54 24.90
C PRO B 32 11.19 12.03 25.15
N ASP B 33 12.30 12.73 24.92
CA ASP B 33 12.44 14.14 25.29
C ASP B 33 11.99 15.09 24.20
N GLN B 34 10.98 14.74 23.42
CA GLN B 34 10.43 15.67 22.44
C GLN B 34 9.08 16.19 22.92
N ALA B 35 8.75 17.41 22.49
CA ALA B 35 7.78 18.27 23.17
C ALA B 35 6.37 18.17 22.61
N GLN B 36 6.11 17.25 21.68
CA GLN B 36 4.81 17.19 21.04
C GLN B 36 3.90 16.15 21.68
N VAL B 37 2.60 16.42 21.61
CA VAL B 37 1.57 15.44 21.89
C VAL B 37 1.71 14.27 20.90
N VAL B 38 1.35 13.08 21.34
CA VAL B 38 1.35 11.91 20.48
C VAL B 38 -0.12 11.60 20.19
N GLN B 39 -0.59 11.95 19.00
CA GLN B 39 -2.02 11.81 18.72
C GLN B 39 -2.26 11.63 17.22
N PHE B 40 -1.46 10.77 16.58
CA PHE B 40 -1.69 10.46 15.18
C PHE B 40 -3.12 9.96 14.99
N GLN B 41 -3.70 10.27 13.83
CA GLN B 41 -5.04 9.80 13.53
C GLN B 41 -5.04 8.57 12.62
N ASN B 42 -3.97 8.36 11.86
CA ASN B 42 -3.75 7.16 11.07
C ASN B 42 -2.81 6.22 11.81
N GLY B 43 -2.92 4.93 11.48
CA GLY B 43 -2.17 3.90 12.22
C GLY B 43 -2.59 3.74 13.66
N ARG B 44 -3.89 3.83 13.95
CA ARG B 44 -4.42 3.71 15.30
C ARG B 44 -5.41 2.56 15.31
N CYS B 45 -5.11 1.53 16.10
CA CYS B 45 -5.95 0.34 16.15
C CYS B 45 -5.71 -0.35 17.48
N THR B 46 -6.80 -0.72 18.17
CA THR B 46 -6.70 -1.53 19.37
C THR B 46 -6.24 -2.94 19.03
N LEU B 47 -5.78 -3.66 20.06
CA LEU B 47 -5.30 -5.03 19.87
C LEU B 47 -6.43 -5.98 19.50
N ASP B 48 -7.68 -5.65 19.79
CA ASP B 48 -8.77 -6.50 19.32
C ASP B 48 -9.37 -6.01 18.00
N GLY B 49 -8.69 -5.09 17.30
CA GLY B 49 -9.05 -4.79 15.93
C GLY B 49 -10.08 -3.69 15.71
N GLN B 50 -10.18 -2.71 16.61
CA GLN B 50 -11.04 -1.55 16.40
C GLN B 50 -10.16 -0.40 15.98
N MET B 51 -10.34 0.08 14.75
CA MET B 51 -9.57 1.20 14.25
C MET B 51 -10.11 2.52 14.79
N LEU B 52 -9.23 3.46 15.06
CA LEU B 52 -9.59 4.73 15.67
C LEU B 52 -9.19 5.88 14.75
N GLY B 53 -9.67 7.07 15.09
CA GLY B 53 -9.32 8.25 14.30
C GLY B 53 -9.80 8.14 12.87
N THR B 54 -8.88 8.29 11.93
CA THR B 54 -9.20 8.11 10.51
C THR B 54 -8.58 6.84 9.93
N THR B 55 -8.14 5.93 10.80
CA THR B 55 -7.37 4.77 10.34
C THR B 55 -8.21 3.88 9.44
N THR B 56 -7.66 3.53 8.29
CA THR B 56 -8.24 2.52 7.42
C THR B 56 -7.38 1.27 7.45
N VAL B 57 -8.02 0.13 7.15
CA VAL B 57 -7.31 -1.14 7.01
C VAL B 57 -6.53 -1.22 5.71
N SER B 58 -6.81 -0.34 4.75
CA SER B 58 -6.39 -0.49 3.35
C SER B 58 -5.07 0.25 3.10
N ALA B 59 -4.02 -0.51 2.83
CA ALA B 59 -2.70 0.09 2.60
C ALA B 59 -2.76 1.16 1.52
N SER B 60 -3.59 0.96 0.51
CA SER B 60 -3.62 1.86 -0.61
C SER B 60 -4.50 3.09 -0.37
N CYS B 61 -5.05 3.24 0.84
CA CYS B 61 -5.77 4.43 1.24
C CYS B 61 -4.99 5.30 2.21
N VAL B 62 -3.86 4.83 2.73
CA VAL B 62 -3.05 5.56 3.70
C VAL B 62 -2.54 6.85 3.05
N ALA B 63 -2.91 7.99 3.64
CA ALA B 63 -2.51 9.34 3.18
C ALA B 63 -2.93 9.61 1.74
N ARG B 64 -4.11 9.13 1.37
CA ARG B 64 -4.77 9.55 0.14
C ARG B 64 -6.02 10.33 0.50
N PHE B 65 -6.55 11.05 -0.49
CA PHE B 65 -7.91 11.58 -0.37
C PHE B 65 -8.49 11.73 -1.76
N ARG B 66 -9.81 11.82 -1.81
CA ARG B 66 -10.54 11.85 -3.07
C ARG B 66 -11.66 12.88 -2.97
N GLY B 67 -11.96 13.53 -4.08
CA GLY B 67 -13.09 14.43 -4.08
C GLY B 67 -13.44 14.94 -5.46
N LYS B 68 -14.46 15.78 -5.49
CA LYS B 68 -14.96 16.39 -6.72
C LYS B 68 -14.65 17.87 -6.70
N THR B 69 -14.25 18.38 -7.86
CA THR B 69 -13.78 19.75 -7.98
C THR B 69 -14.95 20.72 -8.04
N PHE B 70 -14.74 21.91 -7.45
CA PHE B 70 -15.53 23.09 -7.74
C PHE B 70 -14.60 24.31 -7.74
N GLN B 71 -15.07 25.41 -8.30
CA GLN B 71 -14.25 26.62 -8.41
C GLN B 71 -14.38 27.45 -7.14
N ALA B 72 -13.25 27.73 -6.51
CA ALA B 72 -13.14 28.62 -5.37
C ALA B 72 -12.54 29.95 -5.81
N PRO B 73 -12.61 31.00 -4.98
CA PRO B 73 -12.09 32.31 -5.39
C PRO B 73 -10.60 32.25 -5.76
N ASP B 74 -10.23 33.13 -6.71
CA ASP B 74 -8.83 33.39 -7.06
C ASP B 74 -8.16 32.18 -7.71
N ASN B 75 -8.87 31.52 -8.62
CA ASN B 75 -8.36 30.35 -9.32
C ASN B 75 -7.86 29.25 -8.38
N ARG B 76 -8.37 29.23 -7.14
CA ARG B 76 -8.16 28.11 -6.22
C ARG B 76 -9.13 26.99 -6.58
N LEU B 77 -8.71 25.75 -6.31
CA LEU B 77 -9.49 24.57 -6.66
C LEU B 77 -10.09 23.95 -5.40
N GLY B 78 -11.39 24.18 -5.20
CA GLY B 78 -12.09 23.52 -4.10
C GLY B 78 -12.30 22.04 -4.38
N ILE B 79 -12.27 21.25 -3.31
CA ILE B 79 -12.51 19.81 -3.40
C ILE B 79 -13.59 19.43 -2.38
N ASN B 80 -14.68 18.83 -2.86
CA ASN B 80 -15.68 18.20 -1.98
C ASN B 80 -15.28 16.75 -1.77
N LEU B 81 -14.87 16.43 -0.55
CA LEU B 81 -14.30 15.11 -0.25
C LEU B 81 -15.34 14.01 -0.31
N ALA B 82 -14.88 12.83 -0.73
CA ALA B 82 -15.59 11.56 -0.63
C ALA B 82 -14.62 10.53 -0.03
N GLU B 83 -15.09 9.32 0.23
CA GLU B 83 -14.16 8.25 0.60
C GLU B 83 -13.33 7.88 -0.63
N ILE B 84 -12.14 7.30 -0.39
CA ILE B 84 -11.26 6.89 -1.49
C ILE B 84 -11.97 5.86 -2.36
N SER B 85 -12.86 5.06 -1.77
CA SER B 85 -13.68 4.09 -2.51
C SER B 85 -14.70 4.75 -3.43
N GLY B 86 -14.92 6.06 -3.33
CA GLY B 86 -15.97 6.72 -4.06
C GLY B 86 -17.28 6.86 -3.31
N GLU B 87 -17.47 6.11 -2.21
CA GLU B 87 -18.65 6.27 -1.37
C GLU B 87 -18.68 7.68 -0.77
N PRO B 88 -19.87 8.23 -0.52
CA PRO B 88 -19.93 9.61 -0.01
C PRO B 88 -19.35 9.71 1.38
N TYR B 89 -18.76 10.87 1.67
CA TYR B 89 -18.29 11.21 3.00
C TYR B 89 -19.29 12.20 3.61
N HIS B 90 -19.77 11.89 4.80
CA HIS B 90 -20.67 12.76 5.54
C HIS B 90 -19.98 13.25 6.81
N ALA B 91 -20.24 14.50 7.19
CA ALA B 91 -19.68 15.06 8.40
C ALA B 91 -20.29 14.38 9.64
N PHE B 92 -19.70 14.69 10.80
CA PHE B 92 -20.21 14.38 12.13
C PHE B 92 -20.07 12.90 12.50
N GLU B 93 -19.29 12.13 11.76
CA GLU B 93 -19.17 10.70 12.03
C GLU B 93 -17.75 10.24 12.31
N SER B 94 -16.73 10.80 11.60
CA SER B 94 -15.31 10.56 11.82
C SER B 94 -14.57 11.89 11.70
N PRO B 95 -13.31 12.00 12.13
CA PRO B 95 -12.60 13.29 11.96
C PRO B 95 -12.45 13.71 10.50
N ALA B 96 -12.34 12.76 9.58
CA ALA B 96 -12.10 13.03 8.17
C ALA B 96 -12.34 11.71 7.44
N PRO B 97 -12.31 11.67 6.11
CA PRO B 97 -12.47 10.38 5.42
C PRO B 97 -11.36 9.40 5.81
N LEU B 98 -11.63 8.11 5.60
CA LEU B 98 -10.68 7.06 5.96
C LEU B 98 -9.37 7.25 5.20
N GLY B 99 -8.26 7.13 5.93
CA GLY B 99 -6.96 7.29 5.33
C GLY B 99 -6.51 8.72 5.15
N PHE B 100 -7.36 9.69 5.45
CA PHE B 100 -7.05 11.09 5.17
C PHE B 100 -5.75 11.52 5.86
N PRO B 101 -4.85 12.21 5.15
CA PRO B 101 -3.52 12.51 5.71
C PRO B 101 -3.62 13.25 7.04
N ASP B 102 -2.73 12.91 7.98
CA ASP B 102 -2.77 13.51 9.31
C ASP B 102 -1.51 14.30 9.63
N PHE B 103 -1.03 15.08 8.63
CA PHE B 103 0.08 16.01 8.79
C PHE B 103 -0.44 17.44 8.72
N GLY B 104 -0.37 18.16 9.84
CA GLY B 104 -0.85 19.52 9.91
C GLY B 104 0.19 20.62 9.84
N ASP B 105 1.49 20.28 9.83
CA ASP B 105 2.55 21.25 10.03
C ASP B 105 3.25 21.70 8.75
N GLY B 106 2.72 21.36 7.58
CA GLY B 106 3.40 21.79 6.38
C GLY B 106 2.56 21.58 5.15
N ASP B 107 3.15 21.91 4.00
CA ASP B 107 2.46 21.84 2.73
C ASP B 107 2.41 20.41 2.20
N TRP B 108 1.27 20.04 1.66
CA TRP B 108 1.11 18.79 0.93
C TRP B 108 1.18 19.11 -0.55
N HIS B 109 2.26 18.70 -1.20
CA HIS B 109 2.39 18.79 -2.65
C HIS B 109 1.76 17.53 -3.25
N VAL B 110 0.65 17.70 -3.96
CA VAL B 110 -0.22 16.58 -4.29
C VAL B 110 -0.21 16.34 -5.78
N THR B 111 -0.23 15.06 -6.15
CA THR B 111 -0.51 14.63 -7.51
C THR B 111 -1.82 13.86 -7.50
N ALA B 112 -2.74 14.27 -8.38
CA ALA B 112 -4.05 13.64 -8.49
C ALA B 112 -4.25 13.14 -9.90
N THR B 113 -5.12 12.15 -10.04
CA THR B 113 -5.59 11.74 -11.35
C THR B 113 -7.11 11.67 -11.35
N LYS B 114 -7.67 11.90 -12.53
CA LYS B 114 -9.05 11.53 -12.78
C LYS B 114 -9.23 10.04 -12.55
N VAL B 115 -10.38 9.66 -11.97
CA VAL B 115 -10.71 8.26 -11.74
C VAL B 115 -12.02 7.84 -12.39
N THR B 116 -12.70 8.74 -13.10
CA THR B 116 -13.91 8.34 -13.81
C THR B 116 -13.54 7.63 -15.09
N PRO B 117 -13.98 6.37 -15.30
CA PRO B 117 -13.51 5.63 -16.49
C PRO B 117 -13.80 6.33 -17.81
N SER B 118 -14.98 6.96 -17.96
CA SER B 118 -15.31 7.66 -19.20
C SER B 118 -14.35 8.80 -19.49
N GLN B 119 -13.75 9.41 -18.47
CA GLN B 119 -12.77 10.48 -18.62
C GLN B 119 -11.35 9.96 -18.81
N LEU B 120 -11.18 8.65 -18.98
CA LEU B 120 -9.86 8.03 -19.09
C LEU B 120 -9.71 7.29 -20.42
N GLU B 121 -10.52 7.62 -21.41
CA GLU B 121 -10.35 7.04 -22.73
C GLU B 121 -9.18 7.65 -23.47
N ALA B 122 -8.79 8.88 -23.11
CA ALA B 122 -7.76 9.63 -23.80
C ALA B 122 -7.31 10.76 -22.89
N ASN B 123 -6.11 11.30 -23.20
CA ASN B 123 -5.56 12.54 -22.64
C ASN B 123 -4.99 12.44 -21.23
N ASP B 124 -4.20 13.45 -20.87
CA ASP B 124 -3.50 13.53 -19.60
C ASP B 124 -4.50 13.69 -18.45
N PRO B 125 -4.60 12.72 -17.53
CA PRO B 125 -5.57 12.81 -16.43
C PRO B 125 -5.05 13.47 -15.16
N VAL B 126 -3.86 14.09 -15.19
CA VAL B 126 -3.18 14.55 -13.97
C VAL B 126 -3.60 15.98 -13.62
N VAL B 127 -3.80 16.21 -12.32
CA VAL B 127 -3.88 17.54 -11.74
C VAL B 127 -2.88 17.57 -10.59
N VAL B 128 -2.01 18.57 -10.57
CA VAL B 128 -1.09 18.74 -9.44
C VAL B 128 -1.41 20.06 -8.75
N GLY B 129 -0.99 20.13 -7.49
CA GLY B 129 -1.18 21.35 -6.75
C GLY B 129 -0.65 21.20 -5.34
N ASN B 130 -1.12 22.06 -4.46
CA ASN B 130 -0.52 22.19 -3.14
C ASN B 130 -1.64 22.44 -2.13
N VAL B 131 -1.71 21.62 -1.08
CA VAL B 131 -2.74 21.74 -0.06
C VAL B 131 -2.09 22.30 1.20
N GLN B 132 -2.68 23.33 1.78
CA GLN B 132 -2.11 23.92 2.98
C GLN B 132 -3.04 23.68 4.16
N PRO B 133 -2.77 22.68 4.99
CA PRO B 133 -3.71 22.34 6.07
C PRO B 133 -3.85 23.43 7.13
N TYR B 134 -2.89 24.35 7.23
CA TYR B 134 -2.98 25.50 8.13
C TYR B 134 -3.78 26.66 7.53
N ASN B 135 -4.18 26.55 6.26
CA ASN B 135 -5.01 27.54 5.59
C ASN B 135 -6.40 27.59 6.23
N PRO B 136 -7.02 28.77 6.31
CA PRO B 136 -8.37 28.86 6.92
C PRO B 136 -9.49 28.15 6.15
N GLN B 137 -9.29 27.79 4.88
CA GLN B 137 -10.28 27.06 4.10
C GLN B 137 -10.03 25.55 4.10
N PHE B 138 -9.31 25.05 5.09
CA PHE B 138 -9.08 23.61 5.26
C PHE B 138 -10.13 23.12 6.25
N ALA B 139 -11.14 22.41 5.76
CA ALA B 139 -12.24 21.93 6.60
C ALA B 139 -12.53 20.47 6.30
N PRO B 140 -11.60 19.56 6.64
CA PRO B 140 -11.79 18.15 6.26
C PRO B 140 -12.94 17.47 7.01
N HIS B 141 -13.19 17.81 8.28
CA HIS B 141 -14.31 17.17 8.96
C HIS B 141 -15.64 17.44 8.25
N LEU B 142 -15.83 18.66 7.74
CA LEU B 142 -17.04 18.99 7.01
C LEU B 142 -16.93 18.66 5.53
N GLY B 143 -15.81 18.07 5.10
CA GLY B 143 -15.72 17.48 3.78
C GLY B 143 -15.20 18.35 2.67
N THR B 144 -14.49 19.44 2.98
CA THR B 144 -14.05 20.37 1.96
C THR B 144 -12.65 20.87 2.23
N LEU B 145 -11.86 21.03 1.17
CA LEU B 145 -10.54 21.65 1.25
C LEU B 145 -10.27 22.31 -0.09
N VAL B 146 -9.14 23.01 -0.17
CA VAL B 146 -8.77 23.79 -1.34
C VAL B 146 -7.37 23.37 -1.80
N VAL B 147 -7.21 23.13 -3.11
CA VAL B 147 -5.92 22.89 -3.72
C VAL B 147 -5.41 24.23 -4.28
N GLU B 148 -4.35 24.76 -3.68
CA GLU B 148 -3.72 25.99 -4.17
C GLU B 148 -2.88 25.73 -5.41
N ASN B 149 -2.78 26.74 -6.27
CA ASN B 149 -1.94 26.72 -7.46
C ASN B 149 -2.09 25.44 -8.29
N PRO B 150 -3.31 25.09 -8.71
CA PRO B 150 -3.48 23.86 -9.49
C PRO B 150 -2.91 24.00 -10.90
N THR B 151 -2.47 22.86 -11.45
CA THR B 151 -2.10 22.72 -12.84
C THR B 151 -2.73 21.45 -13.40
N PRO B 152 -3.66 21.54 -14.38
CA PRO B 152 -4.20 22.76 -15.04
C PRO B 152 -4.89 23.71 -14.05
N ASP B 153 -4.87 25.02 -14.32
CA ASP B 153 -5.47 25.98 -13.38
C ASP B 153 -6.98 26.07 -13.51
N GLN B 154 -7.56 25.45 -14.54
CA GLN B 154 -9.00 25.35 -14.65
C GLN B 154 -9.34 23.88 -14.91
N VAL B 155 -10.12 23.29 -14.02
CA VAL B 155 -10.61 21.93 -14.15
C VAL B 155 -12.12 21.99 -14.07
N ALA B 156 -12.79 21.31 -15.01
CA ALA B 156 -14.24 21.28 -15.05
C ALA B 156 -14.82 20.95 -13.67
N THR B 157 -15.83 21.72 -13.26
CA THR B 157 -16.54 21.45 -12.01
C THR B 157 -17.08 20.03 -12.00
N GLY B 158 -17.03 19.38 -10.83
CA GLY B 158 -17.50 18.02 -10.70
C GLY B 158 -16.53 16.93 -11.14
N THR B 159 -15.28 17.27 -11.41
CA THR B 159 -14.31 16.24 -11.77
C THR B 159 -13.90 15.45 -10.53
N ASP B 160 -14.01 14.13 -10.62
CA ASP B 160 -13.64 13.21 -9.56
C ASP B 160 -12.14 12.95 -9.59
N LEU B 161 -11.42 13.33 -8.52
CA LEU B 161 -9.97 13.25 -8.46
C LEU B 161 -9.49 12.42 -7.26
N LEU B 162 -8.54 11.51 -7.49
CA LEU B 162 -7.86 10.79 -6.41
C LEU B 162 -6.48 11.39 -6.18
N PHE B 163 -6.21 11.83 -4.95
CA PHE B 163 -4.98 12.54 -4.61
C PHE B 163 -3.99 11.64 -3.86
N ASN B 164 -2.72 11.75 -4.23
CA ASN B 164 -1.60 11.27 -3.43
C ASN B 164 -0.77 12.45 -2.99
N ILE B 165 -0.05 12.27 -1.89
CA ILE B 165 0.93 13.25 -1.45
C ILE B 165 2.28 12.86 -2.05
N THR B 166 2.73 13.63 -3.03
CA THR B 166 4.04 13.40 -3.62
C THR B 166 5.16 13.77 -2.65
N TRP B 167 5.03 14.92 -1.98
CA TRP B 167 6.00 15.24 -0.94
C TRP B 167 5.39 16.26 0.03
N LEU B 168 6.05 16.39 1.17
CA LEU B 168 5.70 17.34 2.22
C LEU B 168 6.84 18.33 2.37
N SER B 169 6.52 19.55 2.81
CA SER B 169 7.55 20.56 3.00
C SER B 169 7.21 21.47 4.17
N ASN B 170 8.26 22.07 4.72
CA ASN B 170 8.13 22.96 5.86
C ASN B 170 7.43 24.27 5.47
N ARG B 171 6.75 24.88 6.44
CA ARG B 171 6.34 26.26 6.26
C ARG B 171 7.57 27.17 6.25
N ALA B 172 7.40 28.36 5.67
CA ALA B 172 8.50 29.32 5.60
C ALA B 172 9.04 29.64 7.00
N ASN B 173 10.37 29.61 7.12
CA ASN B 173 11.12 29.87 8.37
C ASN B 173 10.79 28.88 9.49
N ASN B 174 10.30 27.68 9.17
CA ASN B 174 10.12 26.65 10.18
C ASN B 174 10.63 25.32 9.63
N ARG B 175 10.73 24.33 10.51
CA ARG B 175 10.92 22.96 10.10
C ARG B 175 9.57 22.25 10.09
N PHE B 176 9.48 21.18 9.30
CA PHE B 176 8.27 20.37 9.23
C PHE B 176 8.30 19.31 10.32
N ASN B 177 7.39 19.43 11.29
CA ASN B 177 7.30 18.47 12.38
C ASN B 177 6.25 17.41 12.03
N PRO B 178 6.65 16.16 11.74
CA PRO B 178 5.67 15.14 11.33
C PRO B 178 4.78 14.63 12.48
N TRP B 179 4.99 15.08 13.72
CA TRP B 179 4.11 14.70 14.82
C TRP B 179 2.81 15.50 14.83
N VAL B 180 2.81 16.69 14.25
CA VAL B 180 1.66 17.60 14.36
C VAL B 180 0.54 17.10 13.47
N ILE B 181 -0.64 16.88 14.05
CA ILE B 181 -1.80 16.47 13.28
C ILE B 181 -2.55 17.71 12.80
N PRO B 182 -3.43 17.60 11.79
CA PRO B 182 -4.21 18.77 11.37
C PRO B 182 -5.23 19.19 12.40
N ASN B 183 -5.72 20.41 12.23
CA ASN B 183 -6.93 20.86 12.88
C ASN B 183 -8.09 20.46 11.96
N TYR B 184 -8.88 19.49 12.39
CA TYR B 184 -9.89 18.99 11.48
C TYR B 184 -11.09 19.93 11.40
N GLY B 185 -11.12 20.96 12.24
CA GLY B 185 -12.14 21.98 12.18
C GLY B 185 -13.38 21.58 12.95
N SER B 186 -14.40 22.42 12.81
CA SER B 186 -15.77 22.20 13.30
C SER B 186 -15.74 21.96 14.82
N THR B 187 -16.74 21.24 15.30
CA THR B 187 -16.72 20.61 16.62
C THR B 187 -17.05 19.14 16.40
N LEU B 188 -16.16 18.26 16.82
CA LEU B 188 -16.38 16.84 16.57
C LEU B 188 -17.41 16.31 17.56
N THR B 189 -18.49 15.72 17.03
CA THR B 189 -19.39 14.90 17.84
C THR B 189 -18.60 13.80 18.57
N GLU B 190 -19.25 13.14 19.53
CA GLU B 190 -18.57 12.07 20.26
C GLU B 190 -18.24 10.90 19.34
N ALA B 191 -19.13 10.62 18.38
CA ALA B 191 -18.86 9.58 17.39
C ALA B 191 -17.63 9.91 16.55
N ALA B 192 -17.47 11.18 16.18
CA ALA B 192 -16.41 11.63 15.28
C ALA B 192 -15.13 12.02 16.01
N GLN B 193 -15.00 11.67 17.29
CA GLN B 193 -13.88 12.12 18.10
C GLN B 193 -12.54 11.65 17.52
N LEU B 194 -11.51 12.49 17.72
CA LEU B 194 -10.15 12.09 17.41
C LEU B 194 -9.76 10.84 18.20
N ALA B 195 -8.91 10.03 17.59
CA ALA B 195 -8.23 9.02 18.36
C ALA B 195 -7.50 9.71 19.52
N PRO B 196 -7.51 9.14 20.72
CA PRO B 196 -6.98 9.86 21.88
C PRO B 196 -5.48 10.06 21.78
N SER B 197 -4.96 10.95 22.62
CA SER B 197 -3.52 11.10 22.70
C SER B 197 -2.94 10.03 23.62
N ILE B 198 -1.71 9.61 23.32
CA ILE B 198 -1.08 8.54 24.08
C ILE B 198 -0.15 9.15 25.11
N PHE B 199 -0.32 8.76 26.35
CA PHE B 199 0.57 9.40 27.28
C PHE B 199 1.70 8.46 27.68
N PRO B 200 2.85 9.00 28.09
CA PRO B 200 4.02 8.15 28.33
C PRO B 200 3.73 7.12 29.40
N PRO B 201 4.10 5.87 29.16
CA PRO B 201 3.84 4.82 30.14
C PRO B 201 4.88 4.87 31.25
N GLY B 202 4.60 4.14 32.32
CA GLY B 202 5.50 4.10 33.45
C GLY B 202 6.65 3.13 33.23
N PHE B 203 7.31 2.80 34.34
CA PHE B 203 8.28 1.71 34.43
C PHE B 203 9.49 1.93 33.51
N GLY B 204 9.87 3.19 33.32
CA GLY B 204 11.01 3.49 32.47
C GLY B 204 10.77 3.25 31.00
N GLU B 205 9.53 3.04 30.58
CA GLU B 205 9.21 2.74 29.20
C GLU B 205 9.04 4.03 28.41
N THR B 206 9.32 3.94 27.11
CA THR B 206 9.06 5.03 26.20
C THR B 206 8.47 4.47 24.90
N ILE B 207 7.69 5.31 24.21
CA ILE B 207 6.97 4.90 23.02
C ILE B 207 7.93 4.60 21.87
N VAL B 208 7.70 3.49 21.17
CA VAL B 208 8.49 3.13 20.01
C VAL B 208 7.79 3.62 18.75
N TYR B 209 8.54 4.29 17.87
CA TYR B 209 8.04 4.77 16.59
C TYR B 209 8.64 3.95 15.46
N PHE B 210 7.79 3.58 14.51
CA PHE B 210 8.24 2.90 13.30
C PHE B 210 8.41 3.96 12.21
N ASN B 211 9.65 4.12 11.73
CA ASN B 211 10.01 5.22 10.84
C ASN B 211 10.13 4.75 9.40
N SER B 212 9.78 5.66 8.49
CA SER B 212 10.03 5.51 7.07
C SER B 212 10.86 6.70 6.58
N THR B 213 11.76 6.43 5.64
CA THR B 213 12.31 7.52 4.84
C THR B 213 11.24 7.94 3.83
N PHE B 214 10.97 9.24 3.78
CA PHE B 214 9.88 9.75 2.95
C PHE B 214 10.25 11.14 2.47
N PRO B 215 9.81 11.55 1.29
CA PRO B 215 10.15 12.90 0.81
C PRO B 215 9.45 13.98 1.63
N ALA B 216 9.82 14.12 2.89
CA ALA B 216 9.34 15.19 3.74
C ALA B 216 10.48 16.19 3.84
N VAL B 217 10.38 17.26 3.05
CA VAL B 217 11.50 18.18 2.87
C VAL B 217 11.55 19.16 4.04
N GLY B 218 12.74 19.36 4.58
CA GLY B 218 12.94 20.35 5.63
C GLY B 218 12.33 19.94 6.95
N ALA B 219 12.38 18.66 7.30
CA ALA B 219 11.67 18.13 8.44
C ALA B 219 12.53 18.21 9.70
N THR B 220 11.87 18.21 10.85
CA THR B 220 12.58 18.12 12.12
C THR B 220 13.29 16.78 12.28
N THR B 221 12.91 15.78 11.49
CA THR B 221 13.42 14.42 11.60
C THR B 221 14.38 14.05 10.48
N HIS B 222 14.61 14.94 9.52
CA HIS B 222 15.47 14.60 8.38
C HIS B 222 14.86 13.43 7.60
N ALA B 223 13.73 13.77 6.97
CA ALA B 223 13.07 12.94 5.97
C ALA B 223 12.56 11.60 6.54
N ALA B 224 12.12 11.59 7.80
CA ALA B 224 11.61 10.38 8.45
C ALA B 224 10.21 10.63 8.99
N ILE B 225 9.27 9.77 8.62
CA ILE B 225 7.88 9.86 9.08
C ILE B 225 7.66 8.79 10.14
N PRO B 226 7.23 9.15 11.36
CA PRO B 226 6.97 8.15 12.39
C PRO B 226 5.51 7.70 12.42
N CYS B 227 5.32 6.45 12.86
CA CYS B 227 3.97 5.95 13.14
C CYS B 227 4.02 4.99 14.32
N LEU B 228 2.85 4.73 14.91
CA LEU B 228 2.77 3.89 16.11
C LEU B 228 2.69 2.40 15.81
N LEU B 229 2.21 2.03 14.63
CA LEU B 229 1.97 0.64 14.26
C LEU B 229 2.25 0.49 12.78
N PRO B 230 2.92 -0.58 12.36
CA PRO B 230 2.97 -0.88 10.93
C PRO B 230 1.56 -1.13 10.41
N GLN B 231 1.30 -0.72 9.16
CA GLN B 231 -0.01 -0.93 8.55
C GLN B 231 -0.40 -2.41 8.61
N GLU B 232 0.58 -3.31 8.43
CA GLU B 232 0.30 -4.75 8.54
C GLU B 232 -0.19 -5.14 9.93
N PHE B 233 0.29 -4.48 10.98
CA PHE B 233 -0.27 -4.72 12.32
C PHE B 233 -1.75 -4.34 12.35
N VAL B 234 -2.09 -3.16 11.83
CA VAL B 234 -3.48 -2.72 11.76
C VAL B 234 -4.33 -3.75 11.03
N ALA B 235 -3.90 -4.13 9.82
CA ALA B 235 -4.64 -5.12 9.04
C ALA B 235 -4.73 -6.45 9.77
N HIS B 236 -3.66 -6.85 10.46
CA HIS B 236 -3.68 -8.12 11.19
C HIS B 236 -4.72 -8.09 12.31
N PHE B 237 -4.73 -7.02 13.13
CA PHE B 237 -5.67 -6.95 14.25
C PHE B 237 -7.12 -6.87 13.76
N VAL B 238 -7.38 -6.09 12.72
CA VAL B 238 -8.72 -6.04 12.16
C VAL B 238 -9.14 -7.43 11.66
N ASN B 239 -8.22 -8.14 11.00
CA ASN B 239 -8.55 -9.46 10.48
C ASN B 239 -8.83 -10.46 11.61
N GLU B 240 -8.04 -10.39 12.68
CA GLU B 240 -8.04 -11.40 13.73
C GLU B 240 -9.13 -11.17 14.78
N GLN B 241 -9.34 -9.92 15.20
CA GLN B 241 -10.35 -9.60 16.23
C GLN B 241 -10.12 -10.41 17.51
N ALA B 242 -8.87 -10.59 17.88
CA ALA B 242 -8.58 -11.41 19.05
C ALA B 242 -8.93 -10.63 20.31
N PRO B 243 -9.73 -11.18 21.23
CA PRO B 243 -10.10 -10.42 22.42
C PRO B 243 -8.88 -10.11 23.28
N ILE B 244 -8.92 -8.95 23.94
CA ILE B 244 -7.87 -8.56 24.86
C ILE B 244 -7.97 -9.40 26.13
N ARG B 245 -6.86 -10.06 26.51
CA ARG B 245 -6.87 -11.02 27.60
C ARG B 245 -5.79 -10.72 28.62
N GLY B 246 -5.35 -9.46 28.70
CA GLY B 246 -4.35 -9.04 29.65
C GLY B 246 -4.15 -7.55 29.53
N GLU B 247 -3.34 -7.01 30.42
CA GLU B 247 -3.14 -5.55 30.44
C GLU B 247 -2.14 -5.08 29.40
N ALA B 248 -1.25 -5.96 28.93
CA ALA B 248 -0.36 -5.63 27.83
C ALA B 248 0.12 -6.94 27.21
N ALA B 249 0.65 -6.84 26.00
CA ALA B 249 1.17 -8.01 25.29
C ALA B 249 2.68 -7.87 25.18
N LEU B 250 3.41 -8.84 25.72
CA LEU B 250 4.87 -8.88 25.61
C LEU B 250 5.26 -9.46 24.26
N LEU B 251 6.11 -8.74 23.54
CA LEU B 251 6.65 -9.18 22.26
C LEU B 251 8.16 -9.34 22.37
N HIS B 252 8.69 -10.32 21.66
CA HIS B 252 10.12 -10.41 21.42
C HIS B 252 10.39 -10.06 19.97
N TYR B 253 11.50 -9.39 19.72
CA TYR B 253 11.91 -9.04 18.36
C TYR B 253 13.06 -9.98 18.01
N ILE B 254 12.79 -10.94 17.11
CA ILE B 254 13.63 -12.12 16.94
C ILE B 254 14.52 -11.98 15.70
N ASP B 255 15.80 -12.29 15.86
CA ASP B 255 16.67 -12.37 14.70
C ASP B 255 16.23 -13.50 13.79
N PRO B 256 16.14 -13.27 12.48
CA PRO B 256 15.73 -14.35 11.58
C PRO B 256 16.85 -15.33 11.27
N ASP B 257 18.11 -14.89 11.40
CA ASP B 257 19.28 -15.74 11.16
C ASP B 257 19.62 -16.59 12.38
N THR B 258 19.98 -15.93 13.49
CA THR B 258 20.39 -16.63 14.70
C THR B 258 19.23 -17.15 15.54
N HIS B 259 18.00 -16.70 15.25
CA HIS B 259 16.77 -17.11 15.93
C HIS B 259 16.70 -16.58 17.36
N ARG B 260 17.62 -15.72 17.76
CA ARG B 260 17.75 -15.22 19.12
C ARG B 260 16.94 -13.94 19.34
N ASN B 261 16.60 -13.71 20.60
CA ASN B 261 15.86 -12.54 21.03
C ASN B 261 16.75 -11.30 20.99
N LEU B 262 16.38 -10.33 20.15
CA LEU B 262 17.13 -9.09 20.06
C LEU B 262 16.62 -8.02 21.02
N GLY B 263 15.43 -8.19 21.59
CA GLY B 263 14.84 -7.14 22.41
C GLY B 263 13.41 -7.41 22.82
N GLU B 264 13.05 -6.97 24.02
CA GLU B 264 11.71 -7.09 24.56
C GLU B 264 10.93 -5.80 24.37
N PHE B 265 9.67 -5.94 24.00
CA PHE B 265 8.76 -4.82 23.80
C PHE B 265 7.41 -5.16 24.40
N LYS B 266 6.67 -4.13 24.81
CA LYS B 266 5.27 -4.27 25.15
C LYS B 266 4.42 -3.56 24.11
N ILE B 267 3.27 -4.16 23.78
CA ILE B 267 2.26 -3.49 22.98
C ILE B 267 0.98 -3.49 23.81
N TYR B 268 0.42 -2.31 23.99
CA TYR B 268 -0.67 -1.98 24.88
C TYR B 268 -2.00 -2.08 24.16
N PRO B 269 -3.06 -2.41 24.91
CA PRO B 269 -4.39 -2.58 24.29
C PRO B 269 -4.81 -1.44 23.38
N GLU B 270 -4.45 -0.20 23.74
CA GLU B 270 -4.78 0.99 22.98
C GLU B 270 -4.05 1.05 21.63
N GLY B 271 -3.04 0.22 21.41
CA GLY B 271 -2.42 0.16 20.10
C GLY B 271 -1.13 0.94 19.95
N PHE B 272 -0.17 0.71 20.84
CA PHE B 272 1.13 1.36 20.72
C PHE B 272 2.18 0.47 21.40
N VAL B 273 3.41 0.63 20.95
CA VAL B 273 4.53 -0.23 21.34
C VAL B 273 5.47 0.60 22.23
N THR B 274 6.01 -0.02 23.27
CA THR B 274 7.02 0.61 24.11
C THR B 274 8.21 -0.32 24.28
N CYS B 275 9.31 0.26 24.77
CA CYS B 275 10.49 -0.47 25.23
C CYS B 275 11.15 0.36 26.33
N VAL B 276 12.14 -0.24 26.98
CA VAL B 276 13.03 0.47 27.90
C VAL B 276 14.39 0.60 27.23
N PRO B 277 14.80 1.81 26.80
CA PRO B 277 16.13 1.96 26.18
C PRO B 277 17.24 1.75 27.19
N ASN B 278 18.27 1.02 26.77
CA ASN B 278 19.49 0.95 27.56
C ASN B 278 20.02 2.37 27.79
N VAL B 279 20.43 2.64 29.02
CA VAL B 279 20.71 4.03 29.42
C VAL B 279 21.80 4.61 28.54
N GLY B 280 21.54 5.81 28.00
CA GLY B 280 22.51 6.54 27.22
C GLY B 280 22.69 6.09 25.79
N GLY B 281 21.69 5.46 25.20
CA GLY B 281 21.76 4.99 23.83
C GLY B 281 20.46 5.23 23.11
N THR B 282 20.41 4.78 21.85
CA THR B 282 19.28 5.03 20.96
C THR B 282 18.17 3.98 21.10
N GLY B 283 18.23 3.13 22.12
CA GLY B 283 17.22 2.11 22.32
C GLY B 283 17.18 1.13 21.17
N PRO B 284 15.99 0.92 20.58
CA PRO B 284 15.87 -0.07 19.50
C PRO B 284 16.44 0.39 18.16
N GLN B 285 16.91 1.63 18.05
CA GLN B 285 17.35 2.14 16.75
C GLN B 285 18.56 1.41 16.20
N SER B 286 19.41 0.85 17.08
CA SER B 286 20.62 0.17 16.64
C SER B 286 20.41 -1.30 16.29
N LEU B 287 19.23 -1.85 16.58
CA LEU B 287 18.94 -3.24 16.24
C LEU B 287 18.86 -3.42 14.72
N PRO B 288 19.18 -4.60 14.21
CA PRO B 288 18.93 -4.87 12.79
C PRO B 288 17.44 -4.73 12.47
N THR B 289 17.17 -4.29 11.24
CA THR B 289 15.80 -3.99 10.86
C THR B 289 15.11 -5.16 10.19
N ASN B 290 15.76 -6.32 10.11
CA ASN B 290 15.20 -7.48 9.45
C ASN B 290 14.72 -8.52 10.44
N GLY B 291 14.49 -8.13 11.70
CA GLY B 291 13.95 -9.03 12.69
C GLY B 291 12.43 -9.08 12.65
N VAL B 292 11.88 -10.04 13.39
CA VAL B 292 10.45 -10.33 13.38
C VAL B 292 9.91 -10.20 14.79
N PHE B 293 8.77 -9.52 14.94
CA PHE B 293 8.08 -9.47 16.22
C PHE B 293 7.26 -10.73 16.44
N VAL B 294 7.31 -11.26 17.66
CA VAL B 294 6.62 -12.49 18.03
C VAL B 294 5.92 -12.27 19.37
N PHE B 295 4.65 -12.64 19.44
CA PHE B 295 3.90 -12.57 20.70
C PHE B 295 4.37 -13.64 21.68
N VAL B 296 4.71 -13.23 22.90
CA VAL B 296 5.15 -14.17 23.94
C VAL B 296 4.00 -14.52 24.87
N SER B 297 3.36 -13.51 25.45
CA SER B 297 2.26 -13.69 26.40
C SER B 297 1.67 -12.34 26.71
N TRP B 298 0.44 -12.35 27.19
CA TRP B 298 -0.06 -11.22 27.93
C TRP B 298 0.72 -11.09 29.23
N VAL B 299 0.87 -9.85 29.70
CA VAL B 299 1.52 -9.51 30.95
C VAL B 299 0.74 -8.36 31.56
N SER B 300 1.02 -8.05 32.83
CA SER B 300 0.41 -6.88 33.45
C SER B 300 1.21 -5.63 33.09
N ARG B 301 0.64 -4.46 33.41
CA ARG B 301 1.33 -3.20 33.12
C ARG B 301 2.68 -3.10 33.82
N TYR B 302 2.85 -3.76 34.97
CA TYR B 302 4.10 -3.56 35.69
C TYR B 302 5.19 -4.57 35.32
N TYR B 303 4.99 -5.38 34.29
CA TYR B 303 6.07 -6.24 33.81
C TYR B 303 7.27 -5.39 33.38
N GLN B 304 8.46 -5.72 33.88
CA GLN B 304 9.64 -4.88 33.66
C GLN B 304 10.43 -5.39 32.47
N LEU B 305 10.49 -4.60 31.41
CA LEU B 305 11.20 -5.02 30.20
C LEU B 305 12.71 -4.96 30.41
N LYS B 306 13.39 -5.93 29.84
CA LYS B 306 14.84 -5.84 29.80
C LYS B 306 15.24 -4.67 28.90
N PRO B 307 16.20 -3.83 29.30
CA PRO B 307 16.62 -2.72 28.44
C PRO B 307 17.06 -3.21 27.06
N VAL B 308 16.73 -2.42 26.05
CA VAL B 308 17.06 -2.74 24.67
C VAL B 308 18.08 -1.73 24.16
N GLY B 309 18.96 -2.19 23.27
CA GLY B 309 19.95 -1.33 22.67
C GLY B 309 21.26 -1.31 23.43
N THR B 310 22.18 -0.47 22.95
CA THR B 310 23.50 -0.31 23.54
C THR B 310 23.53 0.95 24.42
N ALA B 311 24.56 1.01 25.27
CA ALA B 311 24.73 2.11 26.21
C ALA B 311 25.27 3.39 25.58
N GLY B 312 25.57 3.38 24.29
CA GLY B 312 25.95 4.60 23.59
C GLY B 312 27.18 4.46 22.71
C1 NDG C . -1.63 15.47 -27.36
C2 NDG C . -2.39 14.19 -27.75
C3 NDG C . -2.14 13.07 -26.70
C4 NDG C . -0.63 12.89 -26.45
C5 NDG C . -0.04 14.26 -26.06
C6 NDG C . 1.47 14.27 -25.85
C7 NDG C . -4.52 14.14 -29.01
C8 NDG C . -6.01 14.47 -28.95
O5 NDG C . -0.26 15.15 -27.14
O3 NDG C . -2.74 11.87 -27.18
O4 NDG C . -0.47 11.93 -25.41
O6 NDG C . 2.09 13.84 -27.05
O7 NDG C . -4.00 13.63 -30.00
N2 NDG C . -3.82 14.44 -27.88
O1 NDG C . -2.22 15.98 -26.20
C1 FUC C . -3.98 11.57 -26.51
C2 FUC C . -4.57 10.37 -27.23
C3 FUC C . -3.64 9.16 -27.09
C4 FUC C . -3.48 8.81 -25.60
C5 FUC C . -2.99 10.06 -24.82
C6 FUC C . -2.97 9.88 -23.31
O2 FUC C . -4.80 10.64 -28.58
O3 FUC C . -4.20 8.02 -27.76
O4 FUC C . -4.74 8.36 -25.09
O5 FUC C . -3.79 11.27 -25.13
C1 GAL C . 0.47 10.89 -25.75
C2 GAL C . 0.93 10.28 -24.40
C3 GAL C . 1.88 9.09 -24.63
C4 GAL C . 1.19 8.06 -25.51
C5 GAL C . 0.78 8.74 -26.81
C6 GAL C . 0.03 7.83 -27.76
O2 GAL C . 1.62 11.24 -23.62
O3 GAL C . 2.28 8.46 -23.39
O4 GAL C . 0.02 7.55 -24.88
O5 GAL C . -0.10 9.88 -26.59
O6 GAL C . -0.59 8.59 -28.75
C1 NDG D . 12.25 28.68 -4.35
C2 NDG D . 12.64 28.42 -2.88
C3 NDG D . 11.82 27.26 -2.29
C4 NDG D . 10.32 27.46 -2.54
C5 NDG D . 10.10 27.71 -4.05
C6 NDG D . 8.65 28.04 -4.44
C7 NDG D . 14.87 28.96 -1.98
C8 NDG D . 16.33 28.53 -1.93
O5 NDG D . 10.85 28.85 -4.45
O3 NDG D . 12.10 27.18 -0.89
O4 NDG D . 9.63 26.30 -2.09
O6 NDG D . 8.18 29.11 -3.62
O7 NDG D . 14.44 29.95 -1.37
N2 NDG D . 14.07 28.17 -2.73
O1 NDG D . 12.67 27.54 -5.05
C1 FUC D . 13.01 26.10 -0.57
C2 FUC D . 13.36 26.25 0.92
C3 FUC D . 12.11 26.09 1.79
C4 FUC D . 11.51 24.71 1.56
C5 FUC D . 11.24 24.50 0.05
C6 FUC D . 10.78 23.09 -0.31
O2 FUC D . 13.98 27.48 1.19
O3 FUC D . 12.46 26.19 3.17
O4 FUC D . 12.41 23.71 2.06
O5 FUC D . 12.43 24.83 -0.79
C1 GAL D . 8.54 26.60 -1.21
C2 GAL D . 7.63 25.34 -1.19
C3 GAL D . 6.45 25.52 -0.23
C4 GAL D . 6.98 25.86 1.17
C5 GAL D . 7.87 27.10 1.05
C6 GAL D . 8.50 27.49 2.36
O2 GAL D . 7.10 25.10 -2.48
O3 GAL D . 5.63 24.37 -0.14
O4 GAL D . 7.76 24.77 1.68
O5 GAL D . 8.97 26.90 0.12
O6 GAL D . 9.54 28.39 2.14
MG MG E . 13.08 -13.93 -6.78
CL CL F . -3.07 -32.47 10.23
CL CL G . -3.86 -23.65 12.51
CL CL H . 2.70 -26.50 9.83
CL CL I . -10.56 -18.47 6.06
CL CL J . 9.21 -9.20 -0.20
CL CL K . 21.74 11.21 3.94
CL CL L . -4.22 -34.43 -1.56
CL CL M . -22.33 -7.32 -13.86
CL CL N . -13.62 -33.20 -4.36
MG MG O . -14.85 6.45 12.28
CL CL P . 2.80 -13.73 17.08
CL CL Q . -9.29 -19.12 26.69
CL CL R . -11.30 0.51 6.47
CL CL S . -17.61 6.05 -16.37
CL CL T . -9.52 18.85 15.23
CL CL U . 21.45 3.82 16.34
CL CL V . 3.46 -9.17 34.78
#